data_9JIE
#
_entry.id   9JIE
#
_cell.length_a   1.00
_cell.length_b   1.00
_cell.length_c   1.00
_cell.angle_alpha   90.00
_cell.angle_beta   90.00
_cell.angle_gamma   90.00
#
_symmetry.space_group_name_H-M   'P 1'
#
loop_
_entity.id
_entity.type
_entity.pdbx_description
1 polymer 'Pro-secreted protein ORF2'
2 polymer 'C6 Fab heavy chain'
3 polymer 'C6 Fab light chain'
#
loop_
_entity_poly.entity_id
_entity_poly.type
_entity_poly.pdbx_seq_one_letter_code
_entity_poly.pdbx_strand_id
1 'polypeptide(L)'
;APARPITNWRSGDVVWVTLPSAEYAQSQSAMGSHPAYWSEEATIINVATGQRAAVSSIKWDQVTLNGKALHKETHSGLVY
YQLPLMGKINFWQQGTTKAGYTYNYNTTDSDSLWVWWDGGSKAYLYISTYTTMLGAGPVNITGLGAVGPNPV
;
A,B
2 'polypeptide(L)'
;QVQLVESGGGVVQPGRSLRLSCAASGFTFRSYAIHWVRQAPGKGLEWVALISYDGSNGYYADSVKGRFTISRDNSKNTVY
LQVNTLRAEDTALYYCARDRGSIVEPAALYIDYWGQGTLVTVSS
;
C,H
3 'polypeptide(L)'
;QSVLTQPPSVSAAPGQMVTISCSGSSSNIGNNYVSWYQHLPGTAPKLLIYDNNKRPSGIPDRFSGSKSGTSVTLGITGLQ
TGDEADYYCGTWDSSLSAVVFGGGTKLTVL
;
D,L
#
# COMPACT_ATOMS: atom_id res chain seq x y z
N ALA A 1 37.63 14.44 -15.07
CA ALA A 1 36.75 15.38 -14.38
C ALA A 1 35.25 15.06 -14.56
N PRO A 2 34.79 14.78 -15.77
CA PRO A 2 33.38 14.38 -15.93
C PRO A 2 33.08 13.09 -15.17
N ALA A 3 31.88 13.03 -14.61
CA ALA A 3 31.45 11.87 -13.85
C ALA A 3 30.75 10.88 -14.78
N ARG A 4 30.19 9.82 -14.20
CA ARG A 4 29.51 8.81 -14.99
C ARG A 4 28.29 9.42 -15.68
N PRO A 5 28.10 9.19 -16.98
CA PRO A 5 26.92 9.74 -17.66
C PRO A 5 25.64 9.13 -17.12
N ILE A 6 24.56 9.93 -17.15
CA ILE A 6 23.27 9.45 -16.69
C ILE A 6 22.72 8.35 -17.59
N THR A 7 23.28 8.19 -18.79
CA THR A 7 22.91 7.09 -19.67
C THR A 7 23.38 5.74 -19.14
N ASN A 8 24.27 5.72 -18.16
CA ASN A 8 24.76 4.49 -17.55
C ASN A 8 24.09 4.32 -16.18
N TRP A 9 23.49 3.15 -15.97
CA TRP A 9 22.81 2.84 -14.72
C TRP A 9 23.28 1.49 -14.21
N ARG A 10 23.44 1.39 -12.90
CA ARG A 10 23.84 0.15 -12.25
C ARG A 10 22.85 -0.20 -11.16
N SER A 11 22.72 -1.50 -10.89
CA SER A 11 21.78 -1.97 -9.88
C SER A 11 22.17 -1.42 -8.51
N GLY A 12 21.17 -0.92 -7.78
CA GLY A 12 21.40 -0.29 -6.50
C GLY A 12 21.62 1.20 -6.55
N ASP A 13 21.69 1.80 -7.75
CA ASP A 13 21.80 3.24 -7.85
C ASP A 13 20.48 3.90 -7.45
N VAL A 14 20.59 5.08 -6.85
CA VAL A 14 19.41 5.83 -6.41
C VAL A 14 19.05 6.83 -7.50
N VAL A 15 17.82 6.79 -8.06
CA VAL A 15 17.25 7.65 -9.11
C VAL A 15 16.37 8.71 -8.41
N TRP A 16 16.37 9.94 -8.92
CA TRP A 16 15.56 10.98 -8.32
C TRP A 16 14.81 11.66 -9.40
N VAL A 17 13.53 11.53 -9.42
CA VAL A 17 12.66 12.06 -10.45
C VAL A 17 11.99 13.33 -10.03
N THR A 18 11.83 14.19 -10.97
CA THR A 18 10.96 15.35 -10.79
C THR A 18 9.99 15.40 -11.95
N LEU A 19 8.72 15.60 -11.67
CA LEU A 19 7.66 15.57 -12.67
C LEU A 19 6.86 16.86 -12.60
N PRO A 20 7.40 17.95 -13.13
CA PRO A 20 6.66 19.22 -13.10
C PRO A 20 5.36 19.12 -13.88
N SER A 21 4.28 19.80 -13.34
CA SER A 21 2.91 19.80 -13.83
C SER A 21 2.48 18.38 -14.23
N ALA A 22 2.84 17.39 -13.50
CA ALA A 22 2.44 16.01 -13.79
C ALA A 22 0.93 15.84 -13.70
N GLU A 23 0.38 15.07 -14.63
CA GLU A 23 -1.04 14.78 -14.68
C GLU A 23 -1.26 13.30 -14.40
N TYR A 24 -2.52 12.88 -14.51
CA TYR A 24 -2.91 11.51 -14.20
C TYR A 24 -3.38 10.81 -15.47
N ALA A 25 -2.92 9.58 -15.67
CA ALA A 25 -3.33 8.76 -16.79
C ALA A 25 -4.10 7.55 -16.28
N GLN A 26 -5.24 7.26 -16.91
CA GLN A 26 -6.08 6.16 -16.44
C GLN A 26 -5.36 4.83 -16.55
N SER A 27 -4.62 4.61 -17.63
CA SER A 27 -3.92 3.34 -17.83
C SER A 27 -2.69 3.58 -18.69
N GLN A 28 -1.59 2.92 -18.33
CA GLN A 28 -0.36 2.94 -19.10
C GLN A 28 -0.07 1.53 -19.58
N SER A 29 0.06 1.36 -20.90
N SER A 29 0.04 1.36 -20.90
CA SER A 29 0.27 0.04 -21.46
CA SER A 29 0.26 0.03 -21.46
C SER A 29 1.63 -0.53 -21.09
C SER A 29 1.63 -0.53 -21.09
N ALA A 30 2.61 0.33 -20.78
CA ALA A 30 3.90 -0.15 -20.33
C ALA A 30 3.80 -0.82 -18.96
N MET A 31 2.88 -0.37 -18.11
CA MET A 31 2.61 -0.98 -16.82
C MET A 31 1.39 -1.89 -16.86
N GLY A 32 1.14 -2.52 -18.01
CA GLY A 32 0.00 -3.42 -18.12
C GLY A 32 -1.34 -2.74 -17.95
N SER A 33 -1.53 -1.58 -18.58
CA SER A 33 -2.78 -0.84 -18.52
C SER A 33 -3.19 -0.53 -17.07
N HIS A 34 -2.32 0.23 -16.41
CA HIS A 34 -2.53 0.61 -15.02
C HIS A 34 -2.29 2.10 -14.86
N PRO A 35 -2.92 2.73 -13.86
CA PRO A 35 -2.79 4.18 -13.71
C PRO A 35 -1.35 4.61 -13.50
N ALA A 36 -1.03 5.80 -14.00
CA ALA A 36 0.32 6.33 -13.89
C ALA A 36 0.28 7.85 -13.87
N TYR A 37 1.34 8.45 -13.35
CA TYR A 37 1.54 9.88 -13.38
C TYR A 37 2.57 10.20 -14.44
N TRP A 38 2.24 11.14 -15.34
CA TRP A 38 3.13 11.47 -16.45
C TRP A 38 3.31 12.98 -16.53
N SER A 39 4.51 13.40 -16.90
CA SER A 39 4.86 14.79 -17.08
C SER A 39 5.61 14.97 -18.39
N GLU A 40 5.44 16.14 -19.01
CA GLU A 40 6.10 16.45 -20.27
C GLU A 40 7.52 16.98 -20.05
N GLU A 41 7.70 17.85 -19.06
CA GLU A 41 8.99 18.48 -18.78
C GLU A 41 9.68 17.87 -17.58
N ALA A 42 9.57 16.55 -17.42
CA ALA A 42 10.12 15.88 -16.26
C ALA A 42 11.64 15.89 -16.27
N THR A 43 12.23 15.68 -15.10
CA THR A 43 13.68 15.65 -14.93
C THR A 43 14.07 14.43 -14.11
N ILE A 44 15.13 13.75 -14.54
CA ILE A 44 15.65 12.58 -13.86
C ILE A 44 16.99 12.95 -13.23
N ILE A 45 17.22 12.47 -12.01
CA ILE A 45 18.43 12.75 -11.25
C ILE A 45 18.96 11.43 -10.68
N ASN A 46 20.27 11.22 -10.81
CA ASN A 46 20.96 10.12 -10.16
C ASN A 46 21.60 10.67 -8.88
N VAL A 47 21.11 10.20 -7.73
CA VAL A 47 21.50 10.80 -6.46
C VAL A 47 22.95 10.47 -6.13
N ALA A 48 23.40 9.25 -6.43
CA ALA A 48 24.71 8.79 -5.98
C ALA A 48 25.83 9.66 -6.55
N THR A 49 25.76 9.98 -7.84
CA THR A 49 26.77 10.79 -8.49
C THR A 49 26.32 12.21 -8.80
N GLY A 50 25.04 12.53 -8.57
CA GLY A 50 24.55 13.88 -8.75
C GLY A 50 24.18 14.26 -10.16
N GLN A 51 24.30 13.35 -11.12
CA GLN A 51 23.98 13.67 -12.51
C GLN A 51 22.48 13.80 -12.69
N ARG A 52 22.06 14.77 -13.49
CA ARG A 52 20.65 15.01 -13.74
C ARG A 52 20.47 15.54 -15.16
N ALA A 53 19.29 15.24 -15.73
CA ALA A 53 18.95 15.73 -17.06
C ALA A 53 17.45 15.63 -17.24
N ALA A 54 16.91 16.53 -18.07
CA ALA A 54 15.49 16.48 -18.39
C ALA A 54 15.17 15.21 -19.16
N VAL A 55 14.02 14.62 -18.86
CA VAL A 55 13.65 13.34 -19.48
C VAL A 55 13.53 13.49 -20.98
N SER A 56 13.00 14.62 -21.45
CA SER A 56 12.83 14.85 -22.88
C SER A 56 14.16 15.02 -23.62
N SER A 57 15.26 15.20 -22.90
N SER A 57 15.26 15.20 -22.90
CA SER A 57 16.57 15.42 -23.51
CA SER A 57 16.57 15.42 -23.51
C SER A 57 17.45 14.19 -23.49
C SER A 57 17.45 14.19 -23.49
N ILE A 58 16.89 13.02 -23.18
CA ILE A 58 17.65 11.77 -23.10
C ILE A 58 17.29 10.91 -24.31
N LYS A 59 18.31 10.48 -25.03
CA LYS A 59 18.14 9.57 -26.17
C LYS A 59 18.08 8.16 -25.62
N TRP A 60 16.88 7.63 -25.45
CA TRP A 60 16.69 6.39 -24.72
C TRP A 60 17.18 5.16 -25.46
N ASP A 61 17.54 5.29 -26.74
CA ASP A 61 18.17 4.19 -27.44
C ASP A 61 19.58 3.92 -26.94
N GLN A 62 20.21 4.89 -26.28
CA GLN A 62 21.59 4.77 -25.83
C GLN A 62 21.73 4.37 -24.37
N VAL A 63 20.68 4.55 -23.56
CA VAL A 63 20.78 4.26 -22.14
C VAL A 63 21.05 2.77 -21.94
N THR A 64 21.81 2.45 -20.89
CA THR A 64 22.19 1.08 -20.58
C THR A 64 22.04 0.82 -19.08
N LEU A 65 21.74 -0.43 -18.74
CA LEU A 65 21.68 -0.87 -17.35
C LEU A 65 22.65 -2.03 -17.17
N ASN A 66 23.69 -1.82 -16.36
CA ASN A 66 24.73 -2.82 -16.12
C ASN A 66 25.39 -3.27 -17.41
N GLY A 67 25.53 -2.36 -18.37
CA GLY A 67 26.09 -2.71 -19.67
C GLY A 67 25.13 -3.37 -20.63
N LYS A 68 23.83 -3.31 -20.36
CA LYS A 68 22.83 -3.94 -21.21
C LYS A 68 21.72 -2.93 -21.51
N ALA A 69 21.14 -3.05 -22.70
CA ALA A 69 20.05 -2.18 -23.08
C ALA A 69 18.81 -2.46 -22.25
N LEU A 70 17.98 -1.43 -22.06
CA LEU A 70 16.76 -1.58 -21.30
C LEU A 70 15.74 -2.41 -22.07
N HIS A 71 14.93 -3.16 -21.33
CA HIS A 71 13.87 -3.94 -21.94
C HIS A 71 12.80 -2.99 -22.48
N LYS A 72 12.52 -3.09 -23.78
CA LYS A 72 11.60 -2.19 -24.46
C LYS A 72 10.30 -2.94 -24.74
N GLU A 73 9.19 -2.41 -24.26
CA GLU A 73 7.87 -2.96 -24.52
C GLU A 73 7.19 -2.08 -25.56
N THR A 74 7.24 -2.52 -26.82
CA THR A 74 6.57 -1.79 -27.90
C THR A 74 5.08 -2.10 -27.81
N HIS A 75 4.36 -1.23 -27.10
CA HIS A 75 2.95 -1.42 -26.82
C HIS A 75 2.14 -0.44 -27.65
N SER A 76 1.21 -0.97 -28.46
CA SER A 76 0.33 -0.17 -29.30
C SER A 76 1.11 0.73 -30.25
N GLY A 77 2.26 0.26 -30.71
CA GLY A 77 3.08 1.04 -31.63
C GLY A 77 3.93 2.10 -30.98
N LEU A 78 3.89 2.23 -29.66
CA LEU A 78 4.67 3.21 -28.91
C LEU A 78 5.79 2.49 -28.18
N VAL A 79 7.03 2.90 -28.42
CA VAL A 79 8.19 2.25 -27.85
C VAL A 79 8.49 2.88 -26.49
N TYR A 80 8.51 2.05 -25.45
CA TYR A 80 8.85 2.47 -24.10
C TYR A 80 10.18 1.85 -23.69
N TYR A 81 10.72 2.33 -22.58
CA TYR A 81 11.94 1.79 -22.01
C TYR A 81 11.75 1.55 -20.52
N GLN A 82 12.45 0.55 -20.00
CA GLN A 82 12.28 0.09 -18.63
C GLN A 82 13.54 0.36 -17.83
N LEU A 83 13.41 1.11 -16.74
CA LEU A 83 14.48 1.25 -15.75
C LEU A 83 14.02 0.58 -14.46
N PRO A 84 14.39 -0.67 -14.22
CA PRO A 84 13.84 -1.39 -13.07
C PRO A 84 14.39 -0.88 -11.75
N LEU A 85 13.68 -1.22 -10.68
CA LEU A 85 14.04 -0.77 -9.35
C LEU A 85 13.91 -1.92 -8.36
N MET A 86 14.69 -1.85 -7.28
CA MET A 86 14.55 -2.77 -6.15
C MET A 86 13.57 -2.14 -5.17
N GLY A 87 12.37 -2.69 -5.11
CA GLY A 87 11.33 -2.13 -4.28
C GLY A 87 10.41 -1.23 -5.07
N LYS A 88 9.54 -0.55 -4.33
CA LYS A 88 8.55 0.34 -4.94
C LYS A 88 9.14 1.73 -5.14
N ILE A 89 8.69 2.39 -6.20
CA ILE A 89 9.10 3.76 -6.47
C ILE A 89 8.34 4.69 -5.53
N ASN A 90 9.07 5.47 -4.74
CA ASN A 90 8.49 6.36 -3.75
C ASN A 90 8.36 7.76 -4.35
N PHE A 91 7.13 8.26 -4.44
CA PHE A 91 6.85 9.55 -5.04
C PHE A 91 5.90 10.34 -4.14
N TRP A 92 6.05 11.67 -4.17
CA TRP A 92 5.25 12.55 -3.34
C TRP A 92 5.08 13.88 -4.05
N GLN A 93 4.08 14.64 -3.61
CA GLN A 93 3.86 15.98 -4.14
C GLN A 93 5.04 16.87 -3.77
N GLN A 94 5.50 17.67 -4.74
CA GLN A 94 6.72 18.44 -4.56
C GLN A 94 6.56 19.48 -3.46
N GLY A 95 7.53 19.51 -2.54
CA GLY A 95 7.62 20.55 -1.52
C GLY A 95 6.71 20.37 -0.33
N THR A 96 5.88 19.33 -0.30
CA THR A 96 4.93 19.13 0.79
C THR A 96 4.97 17.69 1.28
N THR A 97 4.24 17.46 2.37
CA THR A 97 4.12 16.11 2.92
C THR A 97 3.13 15.26 2.12
N LYS A 98 2.37 15.87 1.22
CA LYS A 98 1.48 15.13 0.34
C LYS A 98 2.27 14.04 -0.39
N ALA A 99 1.97 12.78 -0.06
CA ALA A 99 2.75 11.64 -0.54
C ALA A 99 1.86 10.65 -1.28
N GLY A 100 2.45 10.00 -2.27
CA GLY A 100 1.73 9.07 -3.13
C GLY A 100 2.13 7.63 -2.90
N TYR A 101 1.24 6.72 -3.29
CA TYR A 101 1.47 5.29 -3.21
C TYR A 101 1.17 4.66 -4.56
N THR A 102 2.00 3.68 -4.96
CA THR A 102 1.92 3.09 -6.28
C THR A 102 0.77 2.11 -6.37
N TYR A 103 0.63 1.49 -7.55
CA TYR A 103 -0.46 0.55 -7.78
C TYR A 103 -0.24 -0.75 -7.01
N ASN A 104 0.98 -1.27 -7.04
CA ASN A 104 1.31 -2.53 -6.36
C ASN A 104 1.83 -2.26 -4.95
N TYR A 105 1.02 -1.54 -4.17
CA TYR A 105 1.35 -1.22 -2.79
C TYR A 105 1.15 -2.38 -1.83
N ASN A 106 0.37 -3.39 -2.22
CA ASN A 106 0.09 -4.54 -1.35
C ASN A 106 1.00 -5.72 -1.59
N THR A 107 1.71 -5.76 -2.71
CA THR A 107 2.51 -6.92 -3.09
C THR A 107 3.99 -6.65 -2.85
N THR A 108 4.79 -7.71 -2.95
CA THR A 108 6.23 -7.61 -2.85
C THR A 108 6.90 -7.39 -4.19
N ASP A 109 6.12 -7.25 -5.26
CA ASP A 109 6.68 -6.98 -6.58
C ASP A 109 7.26 -5.58 -6.63
N SER A 110 8.43 -5.45 -7.24
CA SER A 110 9.09 -4.16 -7.32
C SER A 110 8.50 -3.33 -8.45
N ASP A 111 8.85 -2.05 -8.47
CA ASP A 111 8.35 -1.10 -9.45
C ASP A 111 9.44 -0.74 -10.45
N SER A 112 9.04 0.05 -11.46
CA SER A 112 9.94 0.38 -12.55
C SER A 112 9.62 1.78 -13.07
N LEU A 113 10.59 2.37 -13.75
CA LEU A 113 10.42 3.66 -14.41
C LEU A 113 10.24 3.43 -15.91
N TRP A 114 9.16 3.95 -16.47
CA TRP A 114 8.85 3.84 -17.88
C TRP A 114 8.90 5.21 -18.54
N VAL A 115 9.49 5.28 -19.72
CA VAL A 115 9.59 6.51 -20.49
C VAL A 115 9.19 6.24 -21.92
N TRP A 116 8.25 7.02 -22.44
CA TRP A 116 7.87 6.97 -23.84
C TRP A 116 8.75 7.92 -24.63
N TRP A 117 9.25 7.48 -25.78
CA TRP A 117 10.18 8.25 -26.58
C TRP A 117 9.71 8.28 -28.03
N ASP A 118 9.71 9.48 -28.62
CA ASP A 118 9.39 9.65 -30.04
C ASP A 118 10.62 9.54 -30.93
N GLY A 119 11.82 9.49 -30.35
CA GLY A 119 13.04 9.52 -31.13
C GLY A 119 13.56 10.91 -31.42
N GLY A 120 12.82 11.96 -31.04
CA GLY A 120 13.26 13.32 -31.26
C GLY A 120 13.57 14.05 -29.97
N SER A 121 12.63 14.88 -29.51
CA SER A 121 12.83 15.66 -28.29
C SER A 121 11.59 15.64 -27.40
N LYS A 122 10.81 14.57 -27.46
CA LYS A 122 9.61 14.44 -26.65
C LYS A 122 9.68 13.11 -25.91
N ALA A 123 9.85 13.13 -24.58
CA ALA A 123 9.87 11.92 -23.75
C ALA A 123 8.89 12.17 -22.65
N TYR A 124 8.13 11.21 -22.18
CA TYR A 124 7.17 11.29 -21.09
C TYR A 124 7.61 10.36 -19.97
N LEU A 125 7.74 10.89 -18.77
CA LEU A 125 8.14 10.11 -17.60
C LEU A 125 6.90 9.51 -16.95
N TYR A 126 6.87 8.20 -16.82
CA TYR A 126 5.74 7.49 -16.25
C TYR A 126 6.15 6.84 -14.94
N ILE A 127 5.41 7.13 -13.87
CA ILE A 127 5.61 6.50 -12.57
C ILE A 127 4.32 5.79 -12.19
N SER A 128 4.47 4.60 -11.62
CA SER A 128 3.30 3.80 -11.26
C SER A 128 2.52 4.47 -10.15
N THR A 129 1.19 4.43 -10.25
CA THR A 129 0.32 5.01 -9.24
C THR A 129 -0.97 4.23 -9.20
N TYR A 130 -1.70 4.40 -8.10
CA TYR A 130 -2.97 3.72 -7.88
C TYR A 130 -4.17 4.59 -8.23
N THR A 131 -4.09 5.88 -7.96
CA THR A 131 -5.24 6.78 -8.09
C THR A 131 -4.73 8.22 -8.09
N THR A 132 -5.64 9.17 -7.96
CA THR A 132 -5.34 10.61 -7.97
C THR A 132 -5.15 11.15 -6.56
N MET A 133 -4.54 10.35 -5.66
CA MET A 133 -4.36 10.77 -4.28
C MET A 133 -3.53 12.04 -4.15
N LEU A 134 -2.74 12.39 -5.17
CA LEU A 134 -2.07 13.68 -5.21
C LEU A 134 -2.77 14.68 -6.11
N GLY A 135 -3.88 14.29 -6.74
CA GLY A 135 -4.60 15.16 -7.65
C GLY A 135 -4.64 14.63 -9.06
N ALA A 136 -5.54 15.18 -9.88
CA ALA A 136 -5.65 14.76 -11.28
C ALA A 136 -4.69 15.49 -12.19
N GLY A 137 -4.01 16.48 -11.71
CA GLY A 137 -2.97 17.21 -12.43
C GLY A 137 -3.41 18.51 -12.86
N PRO A 138 -2.68 19.28 -13.62
CA PRO A 138 -1.22 19.31 -13.45
C PRO A 138 -0.80 19.59 -12.02
N VAL A 139 -0.07 18.66 -11.42
CA VAL A 139 0.40 18.80 -10.04
C VAL A 139 1.87 18.38 -10.00
N ASN A 140 2.70 19.18 -9.35
CA ASN A 140 4.12 18.85 -9.22
C ASN A 140 4.29 17.62 -8.34
N ILE A 141 5.14 16.70 -8.80
CA ILE A 141 5.36 15.43 -8.12
C ILE A 141 6.86 15.12 -8.13
N THR A 142 7.37 14.68 -6.99
CA THR A 142 8.77 14.31 -6.82
C THR A 142 8.86 12.86 -6.37
N GLY A 143 9.82 12.17 -6.93
CA GLY A 143 9.99 10.74 -6.75
C GLY A 143 11.36 10.25 -6.46
N LEU A 144 11.41 9.00 -6.01
CA LEU A 144 12.69 8.45 -5.59
C LEU A 144 12.65 6.92 -5.67
N GLY A 145 13.76 6.33 -6.11
CA GLY A 145 13.85 4.88 -6.21
C GLY A 145 15.29 4.43 -6.28
N ALA A 146 15.46 3.11 -6.22
CA ALA A 146 16.78 2.48 -6.28
C ALA A 146 16.79 1.43 -7.38
N VAL A 147 17.75 1.53 -8.31
CA VAL A 147 17.75 0.72 -9.52
C VAL A 147 17.92 -0.76 -9.18
N GLY A 148 17.23 -1.61 -9.94
CA GLY A 148 17.24 -3.04 -9.72
C GLY A 148 18.05 -3.81 -10.75
N PRO A 149 17.75 -5.10 -10.88
CA PRO A 149 18.54 -5.96 -11.77
C PRO A 149 18.04 -5.91 -13.20
N ASN A 150 18.86 -6.45 -14.10
CA ASN A 150 18.48 -6.53 -15.51
C ASN A 150 17.34 -7.52 -15.69
N PRO A 151 16.47 -7.27 -16.66
CA PRO A 151 15.35 -8.20 -16.91
C PRO A 151 15.84 -9.59 -17.29
N VAL A 152 15.10 -10.60 -16.85
CA VAL A 152 15.46 -11.99 -17.14
C VAL A 152 14.32 -12.66 -17.93
N ALA B 1 38.68 18.60 3.21
CA ALA B 1 38.60 17.24 2.67
C ALA B 1 37.45 16.42 3.27
N PRO B 2 37.25 16.43 4.59
CA PRO B 2 36.09 15.72 5.15
C PRO B 2 34.78 16.30 4.63
N ALA B 3 33.81 15.42 4.42
CA ALA B 3 32.51 15.83 3.92
C ALA B 3 31.58 16.11 5.09
N ARG B 4 30.31 16.39 4.80
CA ARG B 4 29.33 16.64 5.84
C ARG B 4 29.15 15.39 6.69
N PRO B 5 29.16 15.50 8.01
CA PRO B 5 28.98 14.31 8.85
C PRO B 5 27.56 13.79 8.77
N ILE B 6 27.41 12.47 8.99
CA ILE B 6 26.10 11.86 8.96
C ILE B 6 25.20 12.38 10.08
N THR B 7 25.79 13.00 11.11
CA THR B 7 25.01 13.62 12.17
C THR B 7 24.22 14.84 11.68
N ASN B 8 24.60 15.41 10.53
CA ASN B 8 23.89 16.53 9.94
C ASN B 8 22.97 16.03 8.85
N TRP B 9 21.71 16.43 8.91
CA TRP B 9 20.71 16.01 7.93
C TRP B 9 19.91 17.22 7.46
N ARG B 10 19.57 17.24 6.18
CA ARG B 10 18.77 18.30 5.60
C ARG B 10 17.60 17.69 4.85
N SER B 11 16.51 18.46 4.77
CA SER B 11 15.30 17.99 4.10
C SER B 11 15.59 17.74 2.62
N GLY B 12 15.09 16.61 2.13
CA GLY B 12 15.34 16.20 0.77
C GLY B 12 16.56 15.33 0.58
N ASP B 13 17.36 15.11 1.62
CA ASP B 13 18.51 14.22 1.52
C ASP B 13 18.04 12.78 1.42
N VAL B 14 18.76 11.99 0.64
CA VAL B 14 18.43 10.59 0.44
C VAL B 14 19.21 9.76 1.45
N VAL B 15 18.50 8.94 2.23
CA VAL B 15 19.09 8.10 3.26
C VAL B 15 18.97 6.64 2.83
N TRP B 16 20.04 5.93 3.04
CA TRP B 16 20.18 4.54 2.62
C TRP B 16 20.43 3.63 3.81
N VAL B 17 19.50 2.72 4.11
CA VAL B 17 19.46 1.98 5.37
C VAL B 17 19.61 0.50 5.09
N THR B 18 20.52 -0.15 5.81
CA THR B 18 20.72 -1.59 5.76
C THR B 18 20.48 -2.18 7.13
N LEU B 19 19.72 -3.27 7.19
CA LEU B 19 19.33 -3.89 8.46
C LEU B 19 19.72 -5.37 8.42
N PRO B 20 21.00 -5.68 8.64
CA PRO B 20 21.42 -7.09 8.66
C PRO B 20 20.71 -7.87 9.75
N SER B 21 20.29 -9.14 9.34
CA SER B 21 19.63 -10.04 10.29
C SER B 21 18.44 -9.34 10.96
N ALA B 22 17.73 -8.52 10.26
CA ALA B 22 16.58 -7.82 10.79
C ALA B 22 15.45 -8.80 11.11
N GLU B 23 14.77 -8.56 12.22
CA GLU B 23 13.65 -9.36 12.67
C GLU B 23 12.38 -8.53 12.63
N TYR B 24 11.28 -9.13 13.08
CA TYR B 24 9.97 -8.50 13.04
C TYR B 24 9.48 -8.24 14.46
N ALA B 25 8.95 -7.04 14.67
CA ALA B 25 8.38 -6.64 15.95
C ALA B 25 6.89 -6.42 15.76
N GLN B 26 6.09 -6.95 16.69
CA GLN B 26 4.64 -6.84 16.57
C GLN B 26 4.18 -5.40 16.65
N SER B 27 4.79 -4.60 17.52
CA SER B 27 4.39 -3.21 17.69
C SER B 27 5.58 -2.39 18.17
N GLN B 28 5.71 -1.19 17.63
CA GLN B 28 6.74 -0.24 18.04
C GLN B 28 6.05 0.98 18.62
N SER B 29 6.39 1.33 19.86
N SER B 29 6.38 1.32 19.87
CA SER B 29 5.75 2.45 20.53
CA SER B 29 5.75 2.45 20.53
C SER B 29 6.09 3.78 19.86
C SER B 29 6.10 3.79 19.87
N ALA B 30 7.25 3.87 19.21
CA ALA B 30 7.61 5.10 18.51
C ALA B 30 6.69 5.36 17.32
N MET B 31 6.20 4.29 16.68
CA MET B 31 5.22 4.40 15.60
C MET B 31 3.80 4.14 16.06
N GLY B 32 3.49 4.49 17.31
CA GLY B 32 2.14 4.31 17.82
C GLY B 32 1.72 2.86 17.91
N SER B 33 2.59 1.99 18.39
CA SER B 33 2.29 0.57 18.57
C SER B 33 1.89 -0.08 17.23
N HIS B 34 2.83 -0.06 16.30
CA HIS B 34 2.62 -0.62 14.97
C HIS B 34 3.80 -1.50 14.59
N PRO B 35 3.58 -2.49 13.72
CA PRO B 35 4.67 -3.42 13.38
C PRO B 35 5.85 -2.70 12.76
N ALA B 36 7.04 -3.26 13.00
CA ALA B 36 8.27 -2.67 12.50
C ALA B 36 9.32 -3.76 12.33
N TYR B 37 10.32 -3.46 11.51
CA TYR B 37 11.49 -4.30 11.33
C TYR B 37 12.66 -3.68 12.08
N TRP B 38 13.34 -4.48 12.89
CA TRP B 38 14.44 -3.96 13.70
C TRP B 38 15.66 -4.85 13.56
N SER B 39 16.84 -4.23 13.58
CA SER B 39 18.11 -4.92 13.50
C SER B 39 19.07 -4.35 14.53
N GLU B 40 20.00 -5.18 14.99
CA GLU B 40 20.97 -4.77 15.99
C GLU B 40 22.22 -4.17 15.37
N GLU B 41 22.74 -4.76 14.31
CA GLU B 41 23.98 -4.32 13.67
C GLU B 41 23.70 -3.55 12.39
N ALA B 42 22.69 -2.64 12.36
CA ALA B 42 22.19 -1.90 11.19
C ALA B 42 23.21 -0.95 10.76
N THR B 43 23.09 -0.49 9.58
CA THR B 43 23.95 0.57 9.05
C THR B 43 23.10 1.59 8.31
N ILE B 44 23.42 2.87 8.51
CA ILE B 44 22.72 3.97 7.85
C ILE B 44 23.68 4.66 6.90
N ILE B 45 23.18 5.00 5.71
CA ILE B 45 23.98 5.61 4.65
C ILE B 45 23.24 6.82 4.11
N ASN B 46 23.96 7.91 3.87
CA ASN B 46 23.43 9.08 3.17
C ASN B 46 23.93 9.01 1.73
N VAL B 47 23.00 8.88 0.79
CA VAL B 47 23.38 8.63 -0.59
C VAL B 47 24.00 9.87 -1.23
N ALA B 48 23.46 11.05 -0.90
CA ALA B 48 23.87 12.27 -1.60
C ALA B 48 25.36 12.54 -1.42
N THR B 49 25.86 12.40 -0.20
CA THR B 49 27.27 12.64 0.08
C THR B 49 28.07 11.37 0.31
N GLY B 50 27.41 10.21 0.37
CA GLY B 50 28.11 8.95 0.50
C GLY B 50 28.49 8.56 1.91
N GLN B 51 28.18 9.39 2.91
CA GLN B 51 28.56 9.09 4.28
C GLN B 51 27.72 7.95 4.84
N ARG B 52 28.37 7.08 5.61
CA ARG B 52 27.68 5.95 6.22
C ARG B 52 28.34 5.63 7.55
N ALA B 53 27.55 5.04 8.45
CA ALA B 53 28.05 4.63 9.76
C ALA B 53 27.08 3.64 10.37
N ALA B 54 27.60 2.77 11.23
CA ALA B 54 26.74 1.86 11.98
C ALA B 54 25.84 2.65 12.92
N VAL B 55 24.58 2.22 13.01
CA VAL B 55 23.61 2.95 13.83
C VAL B 55 23.99 2.88 15.30
N SER B 56 24.54 1.75 15.73
CA SER B 56 25.00 1.62 17.11
C SER B 56 26.26 2.42 17.38
N SER B 57 26.91 2.96 16.36
N SER B 57 26.91 2.96 16.36
CA SER B 57 28.18 3.67 16.51
CA SER B 57 28.18 3.67 16.51
C SER B 57 28.04 5.18 16.38
C SER B 57 28.04 5.18 16.38
N ILE B 58 26.81 5.70 16.36
CA ILE B 58 26.58 7.14 16.29
C ILE B 58 25.65 7.55 17.44
N LYS B 59 25.96 8.70 18.05
CA LYS B 59 25.29 9.16 19.26
C LYS B 59 24.14 10.09 18.87
N TRP B 60 22.92 9.71 19.25
CA TRP B 60 21.76 10.44 18.79
C TRP B 60 21.51 11.75 19.53
N ASP B 61 22.23 12.00 20.62
CA ASP B 61 22.09 13.30 21.29
C ASP B 61 22.68 14.43 20.47
N GLN B 62 23.55 14.12 19.50
CA GLN B 62 24.22 15.13 18.68
C GLN B 62 23.61 15.28 17.29
N VAL B 63 22.85 14.29 16.81
CA VAL B 63 22.32 14.36 15.46
C VAL B 63 21.36 15.54 15.36
N THR B 64 21.36 16.20 14.19
CA THR B 64 20.54 17.38 13.95
C THR B 64 19.91 17.30 12.56
N LEU B 65 18.74 17.92 12.43
CA LEU B 65 18.06 18.06 11.14
C LEU B 65 17.80 19.53 10.88
N ASN B 66 18.40 20.05 9.81
CA ASN B 66 18.27 21.46 9.42
C ASN B 66 18.69 22.39 10.55
N GLY B 67 19.68 21.98 11.33
CA GLY B 67 20.12 22.77 12.46
C GLY B 67 19.27 22.63 13.70
N LYS B 68 18.41 21.62 13.77
CA LYS B 68 17.53 21.41 14.91
C LYS B 68 17.61 19.96 15.36
N ALA B 69 17.46 19.75 16.66
CA ALA B 69 17.49 18.39 17.20
C ALA B 69 16.27 17.60 16.74
N LEU B 70 16.44 16.28 16.67
CA LEU B 70 15.35 15.41 16.27
C LEU B 70 14.30 15.30 17.37
N HIS B 71 13.05 15.18 16.95
CA HIS B 71 11.96 15.02 17.90
C HIS B 71 12.09 13.66 18.59
N LYS B 72 12.12 13.68 19.92
CA LYS B 72 12.33 12.48 20.72
C LYS B 72 11.02 12.11 21.39
N GLU B 73 10.53 10.90 21.12
CA GLU B 73 9.35 10.37 21.78
C GLU B 73 9.79 9.39 22.85
N THR B 74 9.83 9.86 24.10
CA THR B 74 10.18 9.00 25.24
C THR B 74 8.96 8.14 25.55
N HIS B 75 8.90 6.98 24.91
CA HIS B 75 7.77 6.06 25.02
C HIS B 75 8.14 4.89 25.91
N SER B 76 7.36 4.68 26.97
CA SER B 76 7.58 3.59 27.93
C SER B 76 8.96 3.65 28.55
N GLY B 77 9.48 4.86 28.75
CA GLY B 77 10.79 5.03 29.35
C GLY B 77 11.97 4.83 28.42
N LEU B 78 11.72 4.55 27.14
CA LEU B 78 12.77 4.34 26.16
C LEU B 78 12.81 5.57 25.24
N VAL B 79 13.97 6.20 25.16
CA VAL B 79 14.13 7.41 24.36
C VAL B 79 14.38 7.02 22.91
N TYR B 80 13.50 7.48 22.03
CA TYR B 80 13.65 7.27 20.60
C TYR B 80 13.98 8.59 19.92
N TYR B 81 14.36 8.50 18.65
CA TYR B 81 14.65 9.67 17.85
C TYR B 81 13.98 9.55 16.48
N GLN B 82 13.56 10.68 15.94
CA GLN B 82 12.78 10.73 14.71
C GLN B 82 13.60 11.36 13.59
N LEU B 83 13.78 10.63 12.49
CA LEU B 83 14.32 11.19 11.27
C LEU B 83 13.22 11.22 10.22
N PRO B 84 12.55 12.35 10.02
CA PRO B 84 11.38 12.36 9.12
C PRO B 84 11.78 12.19 7.66
N LEU B 85 10.81 11.73 6.87
CA LEU B 85 11.02 11.50 5.46
C LEU B 85 9.87 12.08 4.66
N MET B 86 10.17 12.53 3.44
CA MET B 86 9.16 12.99 2.50
C MET B 86 8.68 11.78 1.71
N GLY B 87 7.50 11.28 2.04
CA GLY B 87 7.00 10.06 1.44
C GLY B 87 7.26 8.85 2.31
N LYS B 88 6.91 7.69 1.77
CA LYS B 88 7.05 6.44 2.50
C LYS B 88 8.48 5.92 2.38
N ILE B 89 8.94 5.24 3.43
CA ILE B 89 10.24 4.59 3.41
C ILE B 89 10.14 3.31 2.60
N ASN B 90 10.97 3.19 1.57
CA ASN B 90 10.95 2.05 0.68
C ASN B 90 12.02 1.07 1.11
N PHE B 91 11.62 -0.16 1.43
CA PHE B 91 12.53 -1.19 1.91
C PHE B 91 12.24 -2.50 1.21
N TRP B 92 13.27 -3.33 1.09
CA TRP B 92 13.17 -4.60 0.38
C TRP B 92 14.19 -5.58 0.96
N GLN B 93 13.98 -6.87 0.68
CA GLN B 93 14.94 -7.88 1.07
C GLN B 93 16.25 -7.68 0.33
N GLN B 94 17.35 -7.77 1.06
CA GLN B 94 18.67 -7.51 0.48
C GLN B 94 18.98 -8.54 -0.59
N GLY B 95 19.44 -8.07 -1.75
CA GLY B 95 19.84 -8.94 -2.84
C GLY B 95 18.71 -9.63 -3.56
N THR B 96 17.46 -9.22 -3.35
CA THR B 96 16.31 -9.90 -3.92
C THR B 96 15.33 -8.87 -4.48
N THR B 97 14.57 -9.29 -5.49
CA THR B 97 13.51 -8.47 -6.03
C THR B 97 12.34 -8.34 -5.05
N LYS B 98 12.26 -9.22 -4.07
CA LYS B 98 11.20 -9.16 -3.08
C LYS B 98 11.26 -7.84 -2.33
N ALA B 99 10.11 -7.18 -2.18
CA ALA B 99 10.03 -5.84 -1.63
C ALA B 99 9.06 -5.79 -0.46
N GLY B 100 9.29 -4.83 0.42
CA GLY B 100 8.44 -4.63 1.58
C GLY B 100 7.60 -3.37 1.45
N TYR B 101 6.42 -3.39 2.08
CA TYR B 101 5.50 -2.26 2.11
C TYR B 101 5.20 -1.90 3.55
N THR B 102 5.18 -0.60 3.84
CA THR B 102 5.06 -0.12 5.19
C THR B 102 3.62 -0.25 5.68
N TYR B 103 3.40 0.14 6.94
CA TYR B 103 2.06 0.03 7.52
C TYR B 103 1.09 1.01 6.84
N ASN B 104 1.54 2.24 6.58
CA ASN B 104 0.70 3.24 5.94
C ASN B 104 0.89 3.23 4.43
N TYR B 105 0.65 2.06 3.85
CA TYR B 105 0.72 1.89 2.40
C TYR B 105 -0.49 2.46 1.67
N ASN B 106 -1.67 2.42 2.28
CA ASN B 106 -2.88 2.99 1.70
C ASN B 106 -3.03 4.48 1.93
N THR B 107 -2.39 5.03 2.96
CA THR B 107 -2.59 6.40 3.36
C THR B 107 -1.58 7.31 2.69
N THR B 108 -1.81 8.61 2.86
CA THR B 108 -0.93 9.65 2.33
C THR B 108 0.19 10.02 3.30
N ASP B 109 0.06 9.65 4.57
CA ASP B 109 1.02 10.07 5.57
C ASP B 109 2.40 9.53 5.27
N SER B 110 3.40 10.40 5.36
CA SER B 110 4.78 10.01 5.10
C SER B 110 5.33 9.20 6.27
N ASP B 111 6.49 8.58 6.04
CA ASP B 111 7.10 7.69 6.99
C ASP B 111 8.31 8.35 7.63
N SER B 112 8.86 7.68 8.64
CA SER B 112 9.97 8.20 9.41
C SER B 112 10.88 7.06 9.85
N LEU B 113 12.11 7.42 10.20
CA LEU B 113 13.07 6.47 10.75
C LEU B 113 13.16 6.68 12.25
N TRP B 114 12.93 5.62 13.01
CA TRP B 114 12.99 5.65 14.47
C TRP B 114 14.15 4.80 14.95
N VAL B 115 14.86 5.28 15.97
CA VAL B 115 16.00 4.60 16.53
C VAL B 115 15.90 4.62 18.05
N TRP B 116 16.08 3.45 18.68
CA TRP B 116 16.19 3.36 20.13
C TRP B 116 17.66 3.42 20.51
N TRP B 117 17.96 4.21 21.53
CA TRP B 117 19.33 4.44 21.97
C TRP B 117 19.43 4.24 23.47
N ASP B 118 20.47 3.52 23.90
CA ASP B 118 20.76 3.34 25.31
C ASP B 118 21.71 4.39 25.86
N GLY B 119 22.28 5.24 25.00
CA GLY B 119 23.30 6.19 25.42
C GLY B 119 24.71 5.63 25.41
N GLY B 120 24.88 4.35 25.13
CA GLY B 120 26.19 3.74 25.07
C GLY B 120 26.59 3.32 23.68
N SER B 121 26.46 2.03 23.38
CA SER B 121 26.84 1.50 22.07
C SER B 121 25.80 0.52 21.55
N LYS B 122 24.54 0.73 21.89
CA LYS B 122 23.45 -0.13 21.43
C LYS B 122 22.35 0.75 20.86
N ALA B 123 22.14 0.67 19.54
CA ALA B 123 21.08 1.39 18.87
C ALA B 123 20.33 0.45 17.95
N TYR B 124 19.01 0.57 17.93
CA TYR B 124 18.15 -0.31 17.14
C TYR B 124 17.47 0.51 16.05
N LEU B 125 17.56 0.11 14.86
CA LEU B 125 16.92 0.75 13.73
C LEU B 125 15.49 0.25 13.60
N TYR B 126 14.51 1.09 13.48
CA TYR B 126 13.10 0.75 13.33
C TYR B 126 12.57 1.38 12.05
N ILE B 127 11.99 0.54 11.19
CA ILE B 127 11.39 0.98 9.93
C ILE B 127 9.93 0.57 9.93
N SER B 128 9.08 1.44 9.39
CA SER B 128 7.65 1.15 9.34
C SER B 128 7.40 -0.10 8.50
N THR B 129 6.52 -0.97 8.99
CA THR B 129 6.28 -2.24 8.35
C THR B 129 4.86 -2.70 8.69
N TYR B 130 4.22 -3.35 7.72
CA TYR B 130 2.86 -3.82 7.89
C TYR B 130 2.78 -5.25 8.42
N THR B 131 3.65 -6.14 7.96
CA THR B 131 3.55 -7.56 8.27
C THR B 131 4.90 -8.21 7.97
N THR B 132 4.90 -9.54 7.93
CA THR B 132 6.11 -10.34 7.69
C THR B 132 6.29 -10.70 6.22
N MET B 133 5.92 -9.80 5.32
CA MET B 133 6.00 -10.07 3.90
C MET B 133 7.42 -10.41 3.44
N LEU B 134 8.44 -10.01 4.19
CA LEU B 134 9.81 -10.42 3.93
C LEU B 134 10.29 -11.52 4.87
N GLY B 135 9.45 -11.95 5.81
CA GLY B 135 9.83 -12.96 6.78
C GLY B 135 9.79 -12.45 8.20
N ALA B 136 9.76 -13.38 9.17
CA ALA B 136 9.75 -13.00 10.58
C ALA B 136 11.14 -12.70 11.12
N GLY B 137 12.15 -13.02 10.35
CA GLY B 137 13.55 -12.71 10.59
C GLY B 137 14.25 -13.78 11.29
N PRO B 138 15.52 -13.74 11.59
CA PRO B 138 16.44 -12.74 11.03
C PRO B 138 16.56 -12.83 9.51
N VAL B 139 16.26 -11.75 8.81
CA VAL B 139 16.36 -11.67 7.36
C VAL B 139 16.97 -10.34 6.99
N ASN B 140 17.91 -10.34 6.05
CA ASN B 140 18.56 -9.11 5.62
C ASN B 140 17.55 -8.23 4.89
N ILE B 141 17.55 -6.94 5.21
CA ILE B 141 16.61 -5.98 4.64
C ILE B 141 17.35 -4.69 4.32
N THR B 142 17.10 -4.16 3.13
CA THR B 142 17.69 -2.90 2.67
C THR B 142 16.58 -1.93 2.33
N GLY B 143 16.75 -0.66 2.73
CA GLY B 143 15.73 0.34 2.55
C GLY B 143 16.30 1.63 1.98
N LEU B 144 15.38 2.58 1.72
CA LEU B 144 15.74 3.84 1.09
C LEU B 144 14.66 4.87 1.39
N GLY B 145 15.07 6.12 1.61
CA GLY B 145 14.13 7.19 1.89
C GLY B 145 14.76 8.55 1.64
N ALA B 146 13.91 9.58 1.66
CA ALA B 146 14.33 10.96 1.45
C ALA B 146 13.84 11.81 2.61
N VAL B 147 14.76 12.55 3.23
CA VAL B 147 14.47 13.26 4.48
C VAL B 147 13.42 14.34 4.24
N GLY B 148 12.53 14.51 5.22
CA GLY B 148 11.47 15.48 5.13
C GLY B 148 11.69 16.69 6.03
N PRO B 149 10.61 17.37 6.40
CA PRO B 149 10.71 18.62 7.16
C PRO B 149 10.80 18.37 8.66
N ASN B 150 11.23 19.41 9.37
CA ASN B 150 11.30 19.36 10.82
C ASN B 150 9.90 19.29 11.42
N PRO B 151 9.74 18.64 12.57
CA PRO B 151 8.42 18.56 13.20
C PRO B 151 7.88 19.93 13.56
N VAL B 152 6.57 20.07 13.46
CA VAL B 152 5.90 21.33 13.79
C VAL B 152 4.90 21.12 14.92
N GLN C 1 18.72 -17.79 32.60
CA GLN C 1 18.02 -19.00 32.18
C GLN C 1 16.63 -18.68 31.66
N VAL C 2 16.51 -18.53 30.33
CA VAL C 2 15.22 -18.27 29.73
C VAL C 2 14.33 -19.50 29.86
N GLN C 3 13.17 -19.34 30.48
CA GLN C 3 12.25 -20.44 30.69
C GLN C 3 10.82 -19.95 30.54
N LEU C 4 9.95 -20.87 30.14
CA LEU C 4 8.51 -20.62 30.01
C LEU C 4 7.82 -21.90 30.46
N VAL C 5 7.51 -21.97 31.76
CA VAL C 5 7.08 -23.20 32.41
C VAL C 5 5.57 -23.24 32.49
N GLU C 6 5.04 -24.46 32.53
CA GLU C 6 3.60 -24.70 32.54
C GLU C 6 3.23 -25.54 33.75
N SER C 7 2.14 -25.16 34.41
CA SER C 7 1.67 -25.86 35.60
C SER C 7 0.16 -26.06 35.50
N GLY C 8 -0.33 -27.09 36.18
CA GLY C 8 -1.75 -27.37 36.21
C GLY C 8 -2.15 -28.65 35.52
N GLY C 9 -1.28 -29.66 35.56
CA GLY C 9 -1.59 -30.96 35.02
C GLY C 9 -2.30 -31.85 36.02
N GLY C 10 -2.28 -33.15 35.74
CA GLY C 10 -2.82 -34.15 36.63
C GLY C 10 -4.07 -34.82 36.08
N VAL C 11 -4.46 -35.88 36.77
CA VAL C 11 -5.66 -36.62 36.40
C VAL C 11 -6.89 -35.77 36.71
N VAL C 12 -7.80 -35.67 35.76
CA VAL C 12 -8.95 -34.78 35.84
C VAL C 12 -10.22 -35.56 35.49
N GLN C 13 -11.27 -35.34 36.26
CA GLN C 13 -12.56 -35.92 35.93
C GLN C 13 -13.07 -35.33 34.63
N PRO C 14 -13.65 -36.15 33.74
CA PRO C 14 -14.14 -35.63 32.45
C PRO C 14 -15.23 -34.60 32.66
N GLY C 15 -15.24 -33.59 31.78
CA GLY C 15 -16.23 -32.54 31.86
C GLY C 15 -15.93 -31.44 32.84
N ARG C 16 -14.67 -31.26 33.22
CA ARG C 16 -14.27 -30.23 34.16
C ARG C 16 -13.21 -29.34 33.54
N SER C 17 -13.00 -28.18 34.15
CA SER C 17 -12.16 -27.13 33.60
C SER C 17 -10.90 -26.95 34.43
N LEU C 18 -9.85 -26.46 33.77
CA LEU C 18 -8.57 -26.18 34.42
C LEU C 18 -8.01 -24.88 33.88
N ARG C 19 -7.11 -24.27 34.66
CA ARG C 19 -6.35 -23.10 34.25
C ARG C 19 -4.90 -23.51 34.12
N LEU C 20 -4.39 -23.55 32.89
CA LEU C 20 -3.00 -23.92 32.63
C LEU C 20 -2.14 -22.67 32.70
N SER C 21 -1.66 -22.37 33.90
CA SER C 21 -0.79 -21.24 34.11
C SER C 21 0.53 -21.44 33.36
N CYS C 22 1.10 -20.33 32.89
CA CYS C 22 2.32 -20.37 32.10
C CYS C 22 3.24 -19.24 32.55
N ALA C 23 4.11 -19.54 33.50
CA ALA C 23 5.04 -18.54 34.03
C ALA C 23 6.21 -18.34 33.08
N ALA C 24 6.55 -17.08 32.84
CA ALA C 24 7.62 -16.72 31.92
C ALA C 24 8.76 -16.05 32.67
N SER C 25 9.98 -16.54 32.43
CA SER C 25 11.17 -16.01 33.05
C SER C 25 12.28 -15.91 32.01
N GLY C 26 13.14 -14.90 32.18
CA GLY C 26 14.30 -14.74 31.34
C GLY C 26 14.11 -13.94 30.08
N PHE C 27 12.89 -13.43 29.83
CA PHE C 27 12.65 -12.62 28.63
C PHE C 27 11.47 -11.71 28.90
N THR C 28 11.34 -10.69 28.05
CA THR C 28 10.25 -9.73 28.17
C THR C 28 8.95 -10.33 27.64
N PHE C 29 7.95 -10.41 28.51
CA PHE C 29 6.68 -11.03 28.12
C PHE C 29 5.96 -10.23 27.04
N ARG C 30 5.93 -8.90 27.18
CA ARG C 30 5.13 -8.07 26.30
C ARG C 30 5.67 -7.98 24.88
N SER C 31 6.85 -8.51 24.63
CA SER C 31 7.43 -8.49 23.28
C SER C 31 7.19 -9.77 22.51
N TYR C 32 6.45 -10.72 23.07
CA TYR C 32 6.28 -12.04 22.48
C TYR C 32 4.83 -12.47 22.52
N ALA C 33 4.47 -13.34 21.59
CA ALA C 33 3.16 -13.96 21.52
C ALA C 33 3.29 -15.42 21.92
N ILE C 34 2.57 -15.83 22.95
CA ILE C 34 2.72 -17.17 23.52
C ILE C 34 1.73 -18.11 22.85
N HIS C 35 2.23 -19.24 22.37
CA HIS C 35 1.40 -20.28 21.77
C HIS C 35 1.09 -21.37 22.78
N TRP C 36 0.05 -22.13 22.47
CA TRP C 36 -0.30 -23.33 23.22
C TRP C 36 -0.42 -24.50 22.25
N VAL C 37 0.25 -25.60 22.56
CA VAL C 37 0.41 -26.72 21.64
C VAL C 37 0.39 -28.01 22.44
N ARG C 38 -0.31 -29.02 21.93
CA ARG C 38 -0.42 -30.30 22.60
C ARG C 38 -0.08 -31.44 21.64
N GLN C 39 0.45 -32.52 22.21
CA GLN C 39 0.70 -33.74 21.45
C GLN C 39 -0.03 -34.88 22.15
N ALA C 40 -1.02 -35.45 21.49
CA ALA C 40 -1.74 -36.59 22.03
C ALA C 40 -0.84 -37.82 22.05
N PRO C 41 -1.09 -38.75 22.96
CA PRO C 41 -0.29 -39.99 22.98
C PRO C 41 -0.46 -40.76 21.68
N GLY C 42 0.68 -41.17 21.11
CA GLY C 42 0.65 -41.86 19.84
C GLY C 42 0.22 -41.03 18.66
N LYS C 43 0.33 -39.70 18.77
CA LYS C 43 -0.07 -38.79 17.70
C LYS C 43 1.01 -37.73 17.54
N GLY C 44 0.71 -36.72 16.72
CA GLY C 44 1.62 -35.64 16.44
C GLY C 44 1.24 -34.35 17.13
N LEU C 45 1.86 -33.26 16.67
CA LEU C 45 1.62 -31.95 17.25
C LEU C 45 0.27 -31.39 16.80
N GLU C 46 -0.30 -30.53 17.63
CA GLU C 46 -1.53 -29.82 17.29
C GLU C 46 -1.51 -28.44 17.95
N TRP C 47 -1.59 -27.40 17.14
CA TRP C 47 -1.65 -26.04 17.66
C TRP C 47 -3.02 -25.76 18.25
N VAL C 48 -3.04 -25.09 19.40
CA VAL C 48 -4.26 -24.93 20.19
C VAL C 48 -4.72 -23.48 20.21
N ALA C 49 -3.90 -22.58 20.76
CA ALA C 49 -4.33 -21.21 21.00
C ALA C 49 -3.17 -20.25 20.75
N LEU C 50 -3.47 -18.96 20.86
CA LEU C 50 -2.51 -17.90 20.59
C LEU C 50 -3.02 -16.62 21.23
N ILE C 51 -2.10 -15.84 21.81
CA ILE C 51 -2.44 -14.55 22.40
C ILE C 51 -1.45 -13.52 21.86
N SER C 52 -1.89 -12.27 21.81
CA SER C 52 -1.07 -11.19 21.26
C SER C 52 -0.02 -10.79 22.28
N TYR C 53 0.74 -9.73 21.95
CA TYR C 53 1.75 -9.24 22.89
C TYR C 53 1.10 -8.53 24.07
N ASP C 54 0.03 -7.80 23.82
CA ASP C 54 -0.69 -7.07 24.87
C ASP C 54 -2.02 -7.74 25.22
N GLY C 55 -2.31 -8.90 24.66
CA GLY C 55 -3.56 -9.58 24.93
C GLY C 55 -4.76 -9.00 24.20
N SER C 56 -4.54 -8.11 23.24
CA SER C 56 -5.66 -7.50 22.53
C SER C 56 -6.45 -8.54 21.73
N ASN C 57 -5.75 -9.44 21.04
CA ASN C 57 -6.39 -10.44 20.19
C ASN C 57 -6.10 -11.84 20.72
N GLY C 58 -7.13 -12.67 20.76
CA GLY C 58 -6.98 -14.06 21.18
C GLY C 58 -7.42 -15.02 20.09
N TYR C 59 -6.54 -15.94 19.71
CA TYR C 59 -6.76 -16.82 18.57
C TYR C 59 -6.89 -18.26 19.04
N TYR C 60 -7.86 -18.98 18.48
CA TYR C 60 -8.15 -20.36 18.83
C TYR C 60 -7.99 -21.26 17.61
N ALA C 61 -8.13 -22.56 17.84
CA ALA C 61 -8.17 -23.56 16.79
C ALA C 61 -9.59 -24.04 16.57
N ASP C 62 -9.83 -24.66 15.41
CA ASP C 62 -11.17 -25.10 15.06
C ASP C 62 -11.68 -26.16 16.03
N SER C 63 -10.82 -27.11 16.41
CA SER C 63 -11.23 -28.18 17.31
C SER C 63 -11.27 -27.75 18.77
N VAL C 64 -10.69 -26.60 19.12
CA VAL C 64 -10.66 -26.11 20.49
C VAL C 64 -11.57 -24.92 20.70
N LYS C 65 -12.21 -24.41 19.65
CA LYS C 65 -13.08 -23.26 19.79
C LYS C 65 -14.26 -23.58 20.69
N GLY C 66 -14.69 -22.59 21.47
CA GLY C 66 -15.77 -22.80 22.43
C GLY C 66 -15.35 -23.45 23.73
N ARG C 67 -14.54 -24.50 23.66
CA ARG C 67 -14.08 -25.21 24.85
C ARG C 67 -12.80 -24.63 25.43
N PHE C 68 -12.18 -23.65 24.78
CA PHE C 68 -10.90 -23.12 25.21
C PHE C 68 -10.94 -21.60 25.25
N THR C 69 -10.11 -21.03 26.11
CA THR C 69 -10.07 -19.58 26.29
C THR C 69 -8.64 -19.17 26.61
N ILE C 70 -8.13 -18.18 25.90
CA ILE C 70 -6.79 -17.65 26.11
C ILE C 70 -6.89 -16.32 26.83
N SER C 71 -5.94 -16.06 27.71
CA SER C 71 -5.92 -14.81 28.47
C SER C 71 -4.47 -14.45 28.80
N ARG C 72 -4.22 -13.14 28.93
CA ARG C 72 -2.89 -12.64 29.18
C ARG C 72 -2.91 -11.71 30.39
N ASP C 73 -1.91 -11.84 31.25
CA ASP C 73 -1.71 -10.96 32.39
C ASP C 73 -0.25 -10.49 32.36
N ASN C 74 0.01 -9.41 31.63
CA ASN C 74 1.37 -8.92 31.46
C ASN C 74 1.97 -8.39 32.75
N SER C 75 1.15 -8.04 33.74
CA SER C 75 1.69 -7.60 35.03
C SER C 75 2.46 -8.72 35.72
N LYS C 76 1.90 -9.94 35.69
CA LYS C 76 2.53 -11.10 36.31
C LYS C 76 3.44 -11.86 35.36
N ASN C 77 3.52 -11.45 34.10
CA ASN C 77 4.30 -12.15 33.08
C ASN C 77 3.88 -13.62 32.99
N THR C 78 2.57 -13.84 32.92
CA THR C 78 2.00 -15.18 32.85
C THR C 78 0.79 -15.16 31.94
N VAL C 79 0.77 -16.07 30.96
CA VAL C 79 -0.36 -16.23 30.05
C VAL C 79 -1.19 -17.41 30.54
N TYR C 80 -2.51 -17.27 30.44
CA TYR C 80 -3.45 -18.23 31.01
C TYR C 80 -4.23 -18.92 29.91
N LEU C 81 -4.26 -20.24 29.96
CA LEU C 81 -4.99 -21.06 28.99
C LEU C 81 -6.12 -21.77 29.72
N GLN C 82 -7.32 -21.26 29.57
CA GLN C 82 -8.49 -21.79 30.26
C GLN C 82 -9.10 -22.90 29.41
N VAL C 83 -8.89 -24.15 29.83
CA VAL C 83 -9.54 -25.29 29.20
C VAL C 83 -10.91 -25.47 29.84
N ASN C 84 -11.86 -25.93 29.05
CA ASN C 84 -13.24 -26.13 29.51
C ASN C 84 -13.78 -27.44 28.97
N THR C 85 -14.38 -28.24 29.84
CA THR C 85 -15.03 -29.50 29.49
C THR C 85 -14.08 -30.39 28.69
N LEU C 86 -13.01 -30.82 29.38
CA LEU C 86 -12.01 -31.66 28.74
C LEU C 86 -12.63 -32.96 28.25
N ARG C 87 -12.24 -33.36 27.04
CA ARG C 87 -12.76 -34.52 26.36
C ARG C 87 -11.79 -35.69 26.49
N ALA C 88 -12.05 -36.76 25.72
CA ALA C 88 -11.12 -37.88 25.67
C ALA C 88 -9.99 -37.66 24.68
N GLU C 89 -10.03 -36.59 23.90
CA GLU C 89 -9.03 -36.34 22.87
C GLU C 89 -7.96 -35.35 23.30
N ASP C 90 -8.19 -34.58 24.35
CA ASP C 90 -7.25 -33.54 24.78
C ASP C 90 -6.38 -33.99 25.95
N THR C 91 -6.36 -35.28 26.24
CA THR C 91 -5.44 -35.81 27.25
C THR C 91 -4.03 -35.84 26.68
N ALA C 92 -3.42 -34.66 26.54
CA ALA C 92 -2.17 -34.52 25.82
C ALA C 92 -1.18 -33.71 26.65
N LEU C 93 0.09 -33.85 26.30
CA LEU C 93 1.15 -33.08 26.94
C LEU C 93 1.13 -31.67 26.37
N TYR C 94 0.46 -30.76 27.07
CA TYR C 94 0.30 -29.38 26.59
C TYR C 94 1.63 -28.66 26.69
N TYR C 95 2.34 -28.55 25.57
CA TYR C 95 3.48 -27.66 25.49
C TYR C 95 3.00 -26.22 25.41
N CYS C 96 3.83 -25.30 25.88
CA CYS C 96 3.61 -23.89 25.67
C CYS C 96 4.90 -23.25 25.20
N ALA C 97 4.78 -22.28 24.28
CA ALA C 97 5.94 -21.73 23.59
C ALA C 97 5.66 -20.29 23.21
N ARG C 98 6.74 -19.54 22.99
CA ARG C 98 6.67 -18.13 22.64
C ARG C 98 6.93 -17.93 21.16
N ASP C 99 6.27 -16.93 20.59
CA ASP C 99 6.35 -16.63 19.16
C ASP C 99 6.50 -15.13 18.96
N ARG C 100 7.36 -14.75 18.02
CA ARG C 100 7.57 -13.35 17.66
C ARG C 100 7.23 -13.09 16.20
N GLY C 101 6.36 -13.92 15.62
CA GLY C 101 5.96 -13.80 14.24
C GLY C 101 4.75 -12.91 14.07
N SER C 102 4.14 -13.00 12.89
CA SER C 102 2.99 -12.20 12.52
C SER C 102 1.81 -13.08 12.16
N ILE C 103 0.69 -12.43 11.85
CA ILE C 103 -0.56 -13.12 11.55
C ILE C 103 -1.20 -12.66 10.26
N VAL C 104 -0.86 -11.48 9.74
CA VAL C 104 -1.44 -10.91 8.52
C VAL C 104 -1.11 -11.81 7.34
N GLU C 105 -1.75 -11.57 6.19
CA GLU C 105 -1.80 -12.52 5.07
C GLU C 105 -0.46 -13.14 4.70
N PRO C 106 0.66 -12.40 4.59
CA PRO C 106 1.95 -13.10 4.47
C PRO C 106 2.60 -13.31 5.84
N ALA C 107 2.05 -14.24 6.62
CA ALA C 107 2.50 -14.48 7.98
C ALA C 107 3.69 -15.43 8.01
N ALA C 108 4.65 -15.14 8.88
CA ALA C 108 5.79 -16.00 9.14
C ALA C 108 5.87 -16.28 10.63
N LEU C 109 5.88 -17.56 10.99
CA LEU C 109 5.85 -17.98 12.38
C LEU C 109 7.27 -18.30 12.87
N TYR C 110 7.61 -17.77 14.04
CA TYR C 110 8.87 -18.09 14.72
C TYR C 110 8.54 -18.48 16.15
N ILE C 111 8.17 -19.75 16.34
CA ILE C 111 7.81 -20.27 17.66
C ILE C 111 9.11 -20.81 18.25
N ASP C 112 9.84 -19.92 18.93
CA ASP C 112 11.26 -20.15 19.19
C ASP C 112 11.48 -21.25 20.22
N TYR C 113 11.03 -21.04 21.45
CA TYR C 113 11.35 -21.94 22.55
C TYR C 113 10.06 -22.57 23.08
N TRP C 114 10.06 -23.89 23.19
CA TRP C 114 8.91 -24.64 23.68
C TRP C 114 9.21 -25.18 25.07
N GLY C 115 8.23 -25.08 25.97
CA GLY C 115 8.39 -25.58 27.31
C GLY C 115 8.36 -27.10 27.37
N GLN C 116 8.66 -27.62 28.56
CA GLN C 116 8.70 -29.06 28.73
C GLN C 116 7.32 -29.71 28.65
N GLY C 117 6.26 -28.92 28.83
CA GLY C 117 4.91 -29.43 28.69
C GLY C 117 4.30 -29.89 29.99
N THR C 118 2.99 -29.71 30.13
CA THR C 118 2.22 -30.23 31.24
C THR C 118 1.33 -31.35 30.73
N LEU C 119 1.18 -32.40 31.52
CA LEU C 119 0.46 -33.60 31.10
C LEU C 119 -0.94 -33.58 31.70
N VAL C 120 -1.94 -33.31 30.86
CA VAL C 120 -3.33 -33.49 31.24
C VAL C 120 -3.70 -34.94 30.98
N THR C 121 -4.20 -35.61 32.01
CA THR C 121 -4.48 -37.04 31.98
C THR C 121 -5.92 -37.31 32.36
N VAL C 122 -6.84 -36.59 31.72
CA VAL C 122 -8.26 -36.70 32.04
C VAL C 122 -8.72 -38.15 31.88
N SER C 123 -9.10 -38.76 33.00
CA SER C 123 -9.51 -40.16 33.06
C SER C 123 -10.07 -40.40 34.47
N SER C 124 -10.40 -41.66 34.74
CA SER C 124 -10.87 -42.04 36.06
C SER C 124 -9.75 -42.71 36.86
N GLN D 1 -5.08 -35.69 8.89
CA GLN D 1 -6.21 -34.90 8.40
C GLN D 1 -5.86 -33.43 8.34
N SER D 2 -4.60 -33.11 8.65
CA SER D 2 -4.16 -31.72 8.65
C SER D 2 -4.12 -31.17 7.23
N VAL D 3 -4.21 -29.84 7.14
CA VAL D 3 -4.17 -29.19 5.83
C VAL D 3 -2.81 -29.42 5.17
N LEU D 4 -1.74 -29.33 5.95
CA LEU D 4 -0.39 -29.60 5.45
C LEU D 4 -0.14 -31.11 5.54
N THR D 5 -0.02 -31.77 4.40
CA THR D 5 0.13 -33.22 4.35
C THR D 5 1.61 -33.60 4.33
N GLN D 6 1.92 -34.75 4.92
CA GLN D 6 3.28 -35.25 5.03
C GLN D 6 3.28 -36.76 4.86
N PRO D 7 4.40 -37.34 4.41
CA PRO D 7 4.53 -38.79 4.40
C PRO D 7 4.52 -39.33 5.82
N PRO D 8 3.88 -40.49 6.06
CA PRO D 8 3.85 -41.04 7.41
C PRO D 8 5.22 -41.35 7.99
N SER D 9 6.16 -41.81 7.16
CA SER D 9 7.47 -42.20 7.65
C SER D 9 8.44 -42.28 6.48
N VAL D 10 9.73 -42.38 6.82
CA VAL D 10 10.79 -42.52 5.83
C VAL D 10 12.01 -43.07 6.55
N SER D 11 12.89 -43.73 5.80
CA SER D 11 14.06 -44.35 6.41
C SER D 11 15.19 -44.41 5.38
N ALA D 12 16.40 -44.58 5.89
CA ALA D 12 17.59 -44.72 5.06
C ALA D 12 18.73 -45.22 5.93
N ALA D 13 19.84 -45.56 5.29
CA ALA D 13 21.04 -46.01 5.98
C ALA D 13 21.75 -44.84 6.63
N PRO D 14 22.59 -45.08 7.64
CA PRO D 14 23.34 -43.99 8.26
C PRO D 14 24.24 -43.29 7.26
N GLY D 15 24.32 -41.97 7.38
CA GLY D 15 25.12 -41.17 6.49
C GLY D 15 24.48 -40.84 5.15
N GLN D 16 23.25 -41.29 4.91
CA GLN D 16 22.59 -41.10 3.64
C GLN D 16 21.69 -39.86 3.68
N MET D 17 20.88 -39.67 2.64
CA MET D 17 20.03 -38.51 2.49
C MET D 17 18.56 -38.92 2.44
N VAL D 18 17.72 -38.15 3.11
CA VAL D 18 16.27 -38.31 3.03
C VAL D 18 15.64 -36.95 2.78
N THR D 19 14.42 -36.99 2.24
CA THR D 19 13.63 -35.78 2.02
C THR D 19 12.19 -36.05 2.42
N ILE D 20 11.57 -35.07 3.08
CA ILE D 20 10.19 -35.17 3.53
C ILE D 20 9.39 -34.08 2.84
N SER D 21 8.35 -34.47 2.12
CA SER D 21 7.52 -33.53 1.39
C SER D 21 6.44 -32.95 2.30
N CYS D 22 5.87 -31.83 1.86
CA CYS D 22 4.86 -31.13 2.64
C CYS D 22 4.08 -30.23 1.70
N SER D 23 2.80 -30.51 1.52
CA SER D 23 1.96 -29.83 0.55
C SER D 23 0.94 -28.93 1.25
N GLY D 24 0.18 -28.20 0.45
CA GLY D 24 -0.83 -27.32 0.99
C GLY D 24 -1.35 -26.39 -0.10
N SER D 25 -2.42 -25.68 0.24
CA SER D 25 -3.02 -24.73 -0.69
C SER D 25 -2.28 -23.40 -0.62
N SER D 26 -2.76 -22.43 -1.40
CA SER D 26 -2.13 -21.12 -1.42
C SER D 26 -2.39 -20.35 -0.13
N SER D 27 -3.54 -20.59 0.50
CA SER D 27 -3.94 -19.83 1.69
C SER D 27 -2.97 -20.00 2.85
N ASN D 28 -2.28 -21.13 2.93
CA ASN D 28 -1.37 -21.40 4.05
C ASN D 28 0.09 -21.47 3.62
N ILE D 29 0.43 -22.31 2.65
CA ILE D 29 1.81 -22.49 2.25
C ILE D 29 2.17 -21.70 0.99
N GLY D 30 1.18 -21.19 0.26
CA GLY D 30 1.46 -20.37 -0.90
C GLY D 30 1.62 -18.90 -0.55
N ASN D 31 0.80 -18.43 0.38
CA ASN D 31 0.84 -17.03 0.81
C ASN D 31 1.74 -16.82 2.03
N ASN D 32 1.55 -17.65 3.06
CA ASN D 32 2.29 -17.50 4.30
C ASN D 32 3.57 -18.32 4.27
N TYR D 33 4.40 -18.11 5.28
CA TYR D 33 5.65 -18.86 5.43
C TYR D 33 5.41 -20.14 6.22
N VAL D 34 6.25 -21.14 6.00
CA VAL D 34 6.18 -22.44 6.65
C VAL D 34 7.47 -22.67 7.41
N SER D 35 7.41 -23.55 8.39
CA SER D 35 8.55 -23.87 9.23
C SER D 35 8.50 -25.35 9.60
N TRP D 36 9.64 -25.87 10.02
CA TRP D 36 9.81 -27.28 10.34
C TRP D 36 10.21 -27.46 11.80
N TYR D 37 9.81 -28.59 12.37
CA TYR D 37 10.01 -28.88 13.78
C TYR D 37 10.48 -30.31 13.95
N GLN D 38 11.47 -30.52 14.82
CA GLN D 38 11.97 -31.83 15.17
C GLN D 38 11.56 -32.17 16.60
N HIS D 39 10.95 -33.34 16.79
CA HIS D 39 10.48 -33.77 18.10
C HIS D 39 11.23 -35.05 18.49
N LEU D 40 12.40 -34.87 19.09
CA LEU D 40 13.10 -36.01 19.66
C LEU D 40 12.31 -36.56 20.85
N PRO D 41 12.14 -37.88 20.96
CA PRO D 41 11.34 -38.42 22.06
C PRO D 41 11.91 -38.06 23.41
N GLY D 42 11.02 -37.80 24.36
CA GLY D 42 11.41 -37.47 25.71
C GLY D 42 11.80 -36.03 25.95
N THR D 43 11.77 -35.18 24.92
CA THR D 43 12.15 -33.78 25.07
C THR D 43 11.19 -32.92 24.26
N ALA D 44 11.34 -31.60 24.38
CA ALA D 44 10.48 -30.65 23.70
C ALA D 44 10.89 -30.51 22.23
N PRO D 45 9.93 -30.29 21.34
CA PRO D 45 10.27 -30.08 19.93
C PRO D 45 11.05 -28.80 19.70
N LYS D 46 11.89 -28.83 18.68
CA LYS D 46 12.84 -27.77 18.39
C LYS D 46 12.54 -27.11 17.05
N LEU D 47 13.07 -25.90 16.88
CA LEU D 47 13.04 -25.18 15.60
C LEU D 47 14.33 -25.45 14.85
N LEU D 48 14.22 -26.09 13.68
CA LEU D 48 15.38 -26.31 12.82
C LEU D 48 15.33 -25.55 11.50
N ILE D 49 14.15 -25.33 10.92
CA ILE D 49 14.00 -24.53 9.71
C ILE D 49 12.93 -23.48 9.94
N TYR D 50 13.25 -22.23 9.57
CA TYR D 50 12.29 -21.14 9.55
C TYR D 50 12.45 -20.38 8.24
N ASP D 51 11.40 -19.65 7.85
CA ASP D 51 11.39 -18.82 6.65
C ASP D 51 11.60 -19.63 5.38
N ASN D 52 11.40 -20.95 5.46
CA ASN D 52 11.37 -21.89 4.34
C ASN D 52 12.76 -22.16 3.78
N ASN D 53 13.75 -21.39 4.19
CA ASN D 53 15.10 -21.62 3.68
C ASN D 53 16.18 -21.38 4.73
N LYS D 54 15.84 -21.05 5.97
CA LYS D 54 16.81 -20.62 6.96
C LYS D 54 16.67 -21.44 8.22
N ARG D 55 17.75 -21.51 8.99
CA ARG D 55 17.80 -22.29 10.22
C ARG D 55 18.18 -21.41 11.41
N PRO D 56 17.65 -21.69 12.58
CA PRO D 56 18.09 -20.98 13.78
C PRO D 56 19.52 -21.35 14.15
N SER D 57 20.15 -20.47 14.92
CA SER D 57 21.52 -20.71 15.35
C SER D 57 21.61 -21.98 16.19
N GLY D 58 22.63 -22.78 15.91
CA GLY D 58 22.83 -24.04 16.59
C GLY D 58 22.31 -25.26 15.86
N ILE D 59 21.40 -25.07 14.91
CA ILE D 59 20.91 -26.19 14.09
C ILE D 59 21.99 -26.56 13.08
N PRO D 60 22.34 -27.83 12.93
CA PRO D 60 23.42 -28.22 12.01
C PRO D 60 23.08 -27.86 10.57
N ASP D 61 24.13 -27.60 9.80
CA ASP D 61 24.01 -27.24 8.40
C ASP D 61 23.47 -28.38 7.54
N ARG D 62 23.46 -29.61 8.04
CA ARG D 62 22.97 -30.74 7.27
C ARG D 62 21.48 -30.64 6.99
N PHE D 63 20.73 -29.88 7.77
CA PHE D 63 19.30 -29.70 7.54
C PHE D 63 19.07 -28.58 6.54
N SER D 64 18.07 -28.76 5.68
CA SER D 64 17.76 -27.76 4.67
C SER D 64 16.27 -27.84 4.34
N GLY D 65 15.76 -26.75 3.79
CA GLY D 65 14.37 -26.70 3.35
C GLY D 65 14.23 -25.76 2.19
N SER D 66 13.20 -25.98 1.38
CA SER D 66 12.95 -25.14 0.23
C SER D 66 11.50 -25.29 -0.20
N LYS D 67 10.90 -24.17 -0.59
CA LYS D 67 9.51 -24.14 -1.04
C LYS D 67 9.45 -24.09 -2.56
N SER D 68 8.69 -25.00 -3.15
CA SER D 68 8.48 -25.05 -4.60
C SER D 68 6.99 -24.94 -4.84
N GLY D 69 6.52 -23.74 -5.20
CA GLY D 69 5.10 -23.54 -5.37
C GLY D 69 4.39 -23.62 -4.04
N THR D 70 3.16 -24.13 -4.07
CA THR D 70 2.37 -24.33 -2.85
C THR D 70 2.73 -25.67 -2.22
N SER D 71 4.01 -25.83 -1.90
CA SER D 71 4.53 -27.04 -1.29
C SER D 71 5.96 -26.77 -0.81
N VAL D 72 6.33 -27.39 0.31
CA VAL D 72 7.67 -27.27 0.86
C VAL D 72 8.21 -28.66 1.12
N THR D 73 9.53 -28.79 1.13
CA THR D 73 10.19 -30.07 1.30
C THR D 73 11.35 -29.93 2.28
N LEU D 74 11.43 -30.86 3.23
CA LEU D 74 12.56 -30.90 4.15
C LEU D 74 13.71 -31.66 3.53
N GLY D 75 14.94 -31.22 3.84
CA GLY D 75 16.12 -31.86 3.29
C GLY D 75 17.13 -32.19 4.37
N ILE D 76 17.50 -33.46 4.48
CA ILE D 76 18.40 -33.94 5.52
C ILE D 76 19.61 -34.57 4.86
N THR D 77 20.79 -34.10 5.23
CA THR D 77 22.04 -34.66 4.73
C THR D 77 22.76 -35.42 5.85
N GLY D 78 23.37 -36.54 5.48
CA GLY D 78 24.10 -37.33 6.44
C GLY D 78 23.22 -37.86 7.56
N LEU D 79 22.35 -38.81 7.23
CA LEU D 79 21.46 -39.40 8.23
C LEU D 79 22.27 -40.04 9.35
N GLN D 80 21.79 -39.87 10.58
CA GLN D 80 22.44 -40.44 11.75
C GLN D 80 21.39 -41.07 12.64
N THR D 81 21.84 -41.97 13.51
CA THR D 81 20.94 -42.58 14.48
C THR D 81 20.39 -41.53 15.45
N GLY D 82 21.24 -40.58 15.85
CA GLY D 82 20.78 -39.53 16.75
C GLY D 82 19.69 -38.66 16.14
N ASP D 83 19.81 -38.36 14.84
CA ASP D 83 18.81 -37.56 14.16
C ASP D 83 17.62 -38.42 13.75
N GLU D 84 17.05 -39.16 14.70
CA GLU D 84 15.86 -39.96 14.48
C GLU D 84 14.77 -39.40 15.38
N ALA D 85 13.74 -38.80 14.79
CA ALA D 85 12.70 -38.12 15.54
C ALA D 85 11.49 -37.94 14.65
N ASP D 86 10.54 -37.13 15.10
CA ASP D 86 9.35 -36.79 14.34
C ASP D 86 9.47 -35.37 13.83
N TYR D 87 9.22 -35.18 12.53
CA TYR D 87 9.36 -33.89 11.89
C TYR D 87 7.99 -33.40 11.41
N TYR D 88 7.70 -32.13 11.71
CA TYR D 88 6.40 -31.54 11.42
C TYR D 88 6.58 -30.22 10.68
N CYS D 89 5.61 -29.90 9.83
CA CYS D 89 5.54 -28.59 9.21
C CYS D 89 4.81 -27.61 10.12
N GLY D 90 4.98 -26.32 9.83
CA GLY D 90 4.26 -25.31 10.58
C GLY D 90 4.07 -24.03 9.80
N THR D 91 2.81 -23.58 9.68
CA THR D 91 2.50 -22.39 8.89
C THR D 91 1.18 -21.81 9.37
N TRP D 92 0.94 -20.56 8.97
CA TRP D 92 -0.32 -19.88 9.24
C TRP D 92 -1.25 -20.00 8.05
N ASP D 93 -2.52 -20.31 8.32
CA ASP D 93 -3.55 -20.39 7.30
C ASP D 93 -4.38 -19.12 7.37
N SER D 94 -4.18 -18.22 6.41
CA SER D 94 -4.91 -16.95 6.41
C SER D 94 -6.40 -17.17 6.28
N SER D 95 -6.81 -18.11 5.42
CA SER D 95 -8.24 -18.41 5.27
C SER D 95 -8.81 -19.00 6.56
N LEU D 96 -8.07 -19.91 7.19
CA LEU D 96 -8.54 -20.54 8.41
C LEU D 96 -8.30 -19.69 9.65
N SER D 97 -7.45 -18.66 9.55
CA SER D 97 -7.10 -17.81 10.68
C SER D 97 -6.60 -18.64 11.86
N ALA D 98 -5.76 -19.62 11.57
CA ALA D 98 -5.22 -20.50 12.60
C ALA D 98 -3.86 -21.00 12.14
N VAL D 99 -3.08 -21.48 13.11
CA VAL D 99 -1.78 -22.07 12.82
C VAL D 99 -1.99 -23.56 12.55
N VAL D 100 -1.56 -24.03 11.39
CA VAL D 100 -1.69 -25.41 10.99
C VAL D 100 -0.30 -26.03 10.99
N PHE D 101 -0.16 -27.14 11.70
CA PHE D 101 1.10 -27.88 11.76
C PHE D 101 1.06 -29.08 10.83
N GLY D 102 2.25 -29.59 10.51
CA GLY D 102 2.34 -30.74 9.63
C GLY D 102 1.76 -31.99 10.26
N GLY D 103 1.34 -32.92 9.39
CA GLY D 103 0.75 -34.16 9.87
C GLY D 103 1.73 -34.99 10.68
N GLY D 104 2.98 -35.08 10.21
CA GLY D 104 4.00 -35.80 10.95
C GLY D 104 4.71 -36.85 10.14
N THR D 105 6.04 -36.81 10.16
CA THR D 105 6.87 -37.82 9.51
C THR D 105 7.89 -38.32 10.52
N LYS D 106 8.08 -39.63 10.57
CA LYS D 106 8.94 -40.28 11.54
C LYS D 106 10.20 -40.79 10.83
N LEU D 107 11.35 -40.23 11.19
CA LEU D 107 12.62 -40.70 10.65
C LEU D 107 13.05 -41.97 11.38
N THR D 108 13.53 -42.94 10.62
CA THR D 108 14.08 -44.17 11.17
C THR D 108 15.32 -44.54 10.38
N VAL D 109 16.19 -45.35 11.00
CA VAL D 109 17.42 -45.82 10.38
C VAL D 109 17.44 -47.34 10.44
N LEU D 110 17.74 -47.95 9.30
CA LEU D 110 17.79 -49.42 9.20
C LEU D 110 18.75 -49.85 8.09
N GLN E 1 -8.97 22.07 -34.07
CA GLN E 1 -10.17 22.40 -33.33
C GLN E 1 -10.68 21.22 -32.52
N VAL E 2 -10.28 21.15 -31.25
CA VAL E 2 -10.73 20.08 -30.38
C VAL E 2 -12.21 20.30 -30.05
N GLN E 3 -13.05 19.35 -30.45
CA GLN E 3 -14.48 19.47 -30.23
C GLN E 3 -15.04 18.12 -29.82
N LEU E 4 -16.16 18.16 -29.10
CA LEU E 4 -16.89 16.97 -28.65
C LEU E 4 -18.37 17.33 -28.76
N VAL E 5 -18.96 17.02 -29.91
CA VAL E 5 -20.28 17.51 -30.29
C VAL E 5 -21.32 16.43 -29.96
N GLU E 6 -22.56 16.88 -29.77
CA GLU E 6 -23.65 16.01 -29.38
C GLU E 6 -24.82 16.19 -30.35
N SER E 7 -25.45 15.07 -30.73
CA SER E 7 -26.58 15.09 -31.64
C SER E 7 -27.67 14.16 -31.11
N GLY E 8 -28.91 14.48 -31.48
CA GLY E 8 -30.04 13.66 -31.10
C GLY E 8 -31.08 14.36 -30.25
N GLY E 9 -31.19 15.68 -30.39
CA GLY E 9 -32.18 16.45 -29.68
C GLY E 9 -33.50 16.48 -30.41
N GLY E 10 -34.39 17.35 -29.92
CA GLY E 10 -35.67 17.59 -30.54
C GLY E 10 -36.83 17.19 -29.64
N VAL E 11 -38.03 17.53 -30.13
CA VAL E 11 -39.25 17.21 -29.40
C VAL E 11 -39.50 15.71 -29.47
N VAL E 12 -39.80 15.11 -28.31
CA VAL E 12 -39.93 13.67 -28.19
C VAL E 12 -41.23 13.34 -27.46
N GLN E 13 -41.95 12.34 -27.94
CA GLN E 13 -43.12 11.86 -27.23
C GLN E 13 -42.69 11.23 -25.90
N PRO E 14 -43.43 11.49 -24.81
CA PRO E 14 -43.04 10.93 -23.51
C PRO E 14 -43.04 9.40 -23.53
N GLY E 15 -42.09 8.81 -22.81
CA GLY E 15 -41.98 7.38 -22.73
C GLY E 15 -41.25 6.72 -23.88
N ARG E 16 -40.39 7.46 -24.58
CA ARG E 16 -39.66 6.93 -25.72
C ARG E 16 -38.16 7.12 -25.49
N SER E 17 -37.37 6.41 -26.28
CA SER E 17 -35.93 6.34 -26.07
C SER E 17 -35.18 7.00 -27.22
N LEU E 18 -34.03 7.58 -26.89
CA LEU E 18 -33.15 8.22 -27.86
C LEU E 18 -31.72 7.77 -27.63
N ARG E 19 -30.90 7.90 -28.66
CA ARG E 19 -29.46 7.68 -28.58
C ARG E 19 -28.77 9.03 -28.78
N LEU E 20 -28.14 9.52 -27.72
CA LEU E 20 -27.42 10.80 -27.78
C LEU E 20 -25.99 10.53 -28.22
N SER E 21 -25.81 10.48 -29.53
CA SER E 21 -24.48 10.28 -30.10
C SER E 21 -23.58 11.46 -29.75
N CYS E 22 -22.30 11.17 -29.55
CA CYS E 22 -21.33 12.17 -29.12
C CYS E 22 -20.04 11.99 -29.93
N ALA E 23 -19.95 12.70 -31.04
CA ALA E 23 -18.77 12.62 -31.89
C ALA E 23 -17.63 13.45 -31.31
N ALA E 24 -16.45 12.84 -31.27
CA ALA E 24 -15.27 13.47 -30.69
C ALA E 24 -14.22 13.72 -31.77
N SER E 25 -13.67 14.93 -31.78
CA SER E 25 -12.64 15.31 -32.75
C SER E 25 -11.57 16.12 -32.04
N GLY E 26 -10.35 16.07 -32.57
CA GLY E 26 -9.26 16.87 -32.08
C GLY E 26 -8.49 16.29 -30.92
N PHE E 27 -8.85 15.11 -30.43
CA PHE E 27 -8.13 14.49 -29.32
C PHE E 27 -8.35 12.99 -29.37
N THR E 28 -7.47 12.27 -28.67
CA THR E 28 -7.55 10.81 -28.61
C THR E 28 -8.70 10.39 -27.70
N PHE E 29 -9.65 9.63 -28.26
CA PHE E 29 -10.81 9.22 -27.49
C PHE E 29 -10.43 8.29 -26.34
N ARG E 30 -9.53 7.33 -26.60
CA ARG E 30 -9.22 6.30 -25.62
C ARG E 30 -8.42 6.81 -24.43
N SER E 31 -7.96 8.06 -24.46
CA SER E 31 -7.23 8.65 -23.34
C SER E 31 -8.12 9.46 -22.42
N TYR E 32 -9.43 9.50 -22.66
CA TYR E 32 -10.34 10.35 -21.91
C TYR E 32 -11.58 9.56 -21.50
N ALA E 33 -12.18 10.01 -20.41
CA ALA E 33 -13.45 9.48 -19.94
C ALA E 33 -14.52 10.54 -20.15
N ILE E 34 -15.55 10.21 -20.91
CA ILE E 34 -16.54 11.18 -21.33
C ILE E 34 -17.70 11.21 -20.34
N HIS E 35 -18.07 12.40 -19.89
CA HIS E 35 -19.18 12.59 -18.99
C HIS E 35 -20.43 13.02 -19.76
N TRP E 36 -21.57 12.88 -19.11
CA TRP E 36 -22.83 13.41 -19.61
C TRP E 36 -23.49 14.22 -18.51
N VAL E 37 -23.92 15.43 -18.85
CA VAL E 37 -24.38 16.42 -17.88
C VAL E 37 -25.54 17.19 -18.48
N ARG E 38 -26.59 17.41 -17.69
CA ARG E 38 -27.77 18.12 -18.15
C ARG E 38 -28.11 19.26 -17.20
N GLN E 39 -28.68 20.32 -17.76
CA GLN E 39 -29.21 21.44 -16.98
C GLN E 39 -30.66 21.66 -17.36
N ALA E 40 -31.56 21.38 -16.43
CA ALA E 40 -32.98 21.64 -16.66
C ALA E 40 -33.23 23.14 -16.71
N PRO E 41 -34.24 23.59 -17.45
CA PRO E 41 -34.54 25.02 -17.50
C PRO E 41 -34.88 25.56 -16.12
N GLY E 42 -34.34 26.74 -15.81
CA GLY E 42 -34.54 27.32 -14.50
C GLY E 42 -33.93 26.55 -13.35
N LYS E 43 -32.94 25.71 -13.63
CA LYS E 43 -32.31 24.88 -12.61
C LYS E 43 -30.81 24.91 -12.82
N GLY E 44 -30.09 24.05 -12.10
CA GLY E 44 -28.65 23.99 -12.17
C GLY E 44 -28.15 22.74 -12.88
N LEU E 45 -26.86 22.48 -12.69
CA LEU E 45 -26.22 21.33 -13.33
C LEU E 45 -26.59 20.04 -12.62
N GLU E 46 -26.56 18.94 -13.37
CA GLU E 46 -26.75 17.60 -12.81
C GLU E 46 -25.95 16.60 -13.62
N TRP E 47 -24.99 15.96 -12.97
CA TRP E 47 -24.20 14.91 -13.61
C TRP E 47 -25.05 13.67 -13.84
N VAL E 48 -24.88 13.05 -15.00
CA VAL E 48 -25.76 11.97 -15.45
C VAL E 48 -25.01 10.64 -15.50
N ALA E 49 -23.99 10.53 -16.34
CA ALA E 49 -23.35 9.25 -16.60
C ALA E 49 -21.86 9.44 -16.79
N LEU E 50 -21.16 8.32 -16.97
CA LEU E 50 -19.71 8.29 -17.07
C LEU E 50 -19.30 6.94 -17.65
N ILE E 51 -18.32 6.95 -18.54
CA ILE E 51 -17.75 5.72 -19.08
C ILE E 51 -16.23 5.82 -19.01
N SER E 52 -15.58 4.66 -18.92
CA SER E 52 -14.14 4.60 -18.79
C SER E 52 -13.48 4.88 -20.13
N TYR E 53 -12.15 4.70 -20.19
CA TYR E 53 -11.43 4.98 -21.42
C TYR E 53 -11.66 3.88 -22.46
N ASP E 54 -11.78 2.64 -22.00
CA ASP E 54 -11.95 1.49 -22.89
C ASP E 54 -13.36 0.93 -22.86
N GLY E 55 -14.29 1.61 -22.20
CA GLY E 55 -15.64 1.13 -22.10
C GLY E 55 -15.87 0.03 -21.09
N SER E 56 -14.83 -0.33 -20.33
CA SER E 56 -14.99 -1.39 -19.32
C SER E 56 -15.93 -0.96 -18.21
N ASN E 57 -15.85 0.28 -17.78
CA ASN E 57 -16.62 0.78 -16.64
C ASN E 57 -17.71 1.73 -17.11
N GLY E 58 -18.93 1.50 -16.64
CA GLY E 58 -20.05 2.40 -16.93
C GLY E 58 -20.73 2.86 -15.66
N TYR E 59 -20.69 4.17 -15.40
CA TYR E 59 -21.17 4.75 -14.15
C TYR E 59 -22.39 5.61 -14.41
N TYR E 60 -23.41 5.46 -13.55
CA TYR E 60 -24.67 6.17 -13.67
C TYR E 60 -24.89 7.04 -12.44
N ALA E 61 -25.98 7.80 -12.48
CA ALA E 61 -26.45 8.58 -11.35
C ALA E 61 -27.67 7.92 -10.73
N ASP E 62 -27.96 8.29 -9.48
CA ASP E 62 -29.07 7.67 -8.76
C ASP E 62 -30.41 7.94 -9.44
N SER E 63 -30.61 9.18 -9.88
CA SER E 63 -31.87 9.54 -10.53
C SER E 63 -31.97 9.05 -11.97
N VAL E 64 -30.86 8.65 -12.58
CA VAL E 64 -30.85 8.18 -13.96
C VAL E 64 -30.65 6.68 -14.06
N LYS E 65 -30.42 5.99 -12.93
CA LYS E 65 -30.19 4.56 -12.98
C LYS E 65 -31.43 3.83 -13.49
N GLY E 66 -31.20 2.76 -14.22
CA GLY E 66 -32.31 2.01 -14.84
C GLY E 66 -32.84 2.60 -16.13
N ARG E 67 -33.02 3.92 -16.17
CA ARG E 67 -33.54 4.59 -17.35
C ARG E 67 -32.46 5.04 -18.31
N PHE E 68 -31.19 4.88 -17.96
CA PHE E 68 -30.10 5.41 -18.76
C PHE E 68 -29.06 4.32 -18.99
N THR E 69 -28.32 4.44 -20.09
CA THR E 69 -27.32 3.46 -20.46
C THR E 69 -26.18 4.15 -21.18
N ILE E 70 -24.95 3.88 -20.76
CA ILE E 70 -23.76 4.45 -21.37
C ILE E 70 -23.08 3.36 -22.21
N SER E 71 -22.48 3.77 -23.31
CA SER E 71 -21.77 2.85 -24.19
C SER E 71 -20.64 3.59 -24.88
N ARG E 72 -19.60 2.86 -25.25
CA ARG E 72 -18.43 3.43 -25.88
C ARG E 72 -18.09 2.65 -27.14
N ASP E 73 -17.77 3.38 -28.21
CA ASP E 73 -17.31 2.79 -29.47
C ASP E 73 -16.01 3.51 -29.84
N ASN E 74 -14.89 3.01 -29.32
CA ASN E 74 -13.60 3.64 -29.55
C ASN E 74 -13.13 3.54 -31.00
N SER E 75 -13.69 2.61 -31.78
CA SER E 75 -13.35 2.56 -33.19
C SER E 75 -13.84 3.80 -33.93
N LYS E 76 -15.04 4.28 -33.61
CA LYS E 76 -15.60 5.46 -34.23
C LYS E 76 -15.32 6.74 -33.45
N ASN E 77 -14.65 6.64 -32.29
CA ASN E 77 -14.38 7.77 -31.43
C ASN E 77 -15.67 8.50 -31.05
N THR E 78 -16.68 7.73 -30.67
CA THR E 78 -17.98 8.27 -30.30
C THR E 78 -18.53 7.51 -29.11
N VAL E 79 -18.93 8.24 -28.07
CA VAL E 79 -19.56 7.66 -26.89
C VAL E 79 -21.06 7.81 -27.03
N TYR E 80 -21.79 6.79 -26.58
CA TYR E 80 -23.23 6.70 -26.80
C TYR E 80 -23.96 6.75 -25.47
N LEU E 81 -24.92 7.67 -25.36
CA LEU E 81 -25.77 7.82 -24.18
C LEU E 81 -27.18 7.40 -24.58
N GLN E 82 -27.59 6.20 -24.16
CA GLN E 82 -28.91 5.67 -24.48
C GLN E 82 -29.87 6.07 -23.36
N VAL E 83 -30.73 7.04 -23.65
CA VAL E 83 -31.80 7.42 -22.73
C VAL E 83 -32.98 6.49 -22.96
N ASN E 84 -33.74 6.23 -21.91
CA ASN E 84 -34.90 5.35 -21.97
C ASN E 84 -36.04 5.93 -21.16
N THR E 85 -37.23 5.95 -21.76
CA THR E 85 -38.47 6.40 -21.11
C THR E 85 -38.28 7.78 -20.48
N LEU E 86 -38.06 8.76 -21.36
CA LEU E 86 -37.86 10.13 -20.92
C LEU E 86 -39.06 10.64 -20.13
N ARG E 87 -38.78 11.34 -19.04
CA ARG E 87 -39.77 11.86 -18.11
C ARG E 87 -40.01 13.34 -18.38
N ALA E 88 -40.71 13.99 -17.45
CA ALA E 88 -40.88 15.44 -17.53
C ALA E 88 -39.72 16.19 -16.90
N GLU E 89 -38.80 15.50 -16.22
CA GLU E 89 -37.71 16.15 -15.50
C GLU E 89 -36.41 16.19 -16.30
N ASP E 90 -36.30 15.42 -17.38
CA ASP E 90 -35.07 15.34 -18.15
C ASP E 90 -35.13 16.18 -19.43
N THR E 91 -36.11 17.07 -19.53
CA THR E 91 -36.17 18.00 -20.67
C THR E 91 -35.10 19.07 -20.50
N ALA E 92 -33.83 18.66 -20.66
CA ALA E 92 -32.70 19.51 -20.32
C ALA E 92 -31.70 19.54 -21.46
N LEU E 93 -30.87 20.57 -21.45
CA LEU E 93 -29.80 20.72 -22.43
C LEU E 93 -28.65 19.80 -22.03
N TYR E 94 -28.61 18.61 -22.62
CA TYR E 94 -27.59 17.62 -22.27
C TYR E 94 -26.24 18.05 -22.80
N TYR E 95 -25.42 18.60 -21.92
CA TYR E 95 -24.02 18.81 -22.24
C TYR E 95 -23.28 17.49 -22.19
N CYS E 96 -22.18 17.41 -22.94
CA CYS E 96 -21.25 16.29 -22.84
C CYS E 96 -19.83 16.83 -22.77
N ALA E 97 -19.00 16.13 -22.01
CA ALA E 97 -17.66 16.63 -21.72
C ALA E 97 -16.73 15.46 -21.46
N ARG E 98 -15.43 15.73 -21.57
CA ARG E 98 -14.40 14.73 -21.38
C ARG E 98 -13.68 14.95 -20.06
N ASP E 99 -13.28 13.84 -19.42
CA ASP E 99 -12.65 13.85 -18.12
C ASP E 99 -11.42 12.96 -18.13
N ARG E 100 -10.34 13.43 -17.50
CA ARG E 100 -9.10 12.68 -17.39
C ARG E 100 -8.72 12.41 -15.94
N GLY E 101 -9.73 12.35 -15.06
CA GLY E 101 -9.52 12.12 -13.66
C GLY E 101 -9.63 10.65 -13.28
N SER E 102 -9.78 10.40 -11.99
CA SER E 102 -9.89 9.06 -11.45
C SER E 102 -11.22 8.90 -10.71
N ILE E 103 -11.44 7.70 -10.19
CA ILE E 103 -12.70 7.36 -9.53
C ILE E 103 -12.52 6.72 -8.15
N VAL E 104 -11.34 6.18 -7.84
CA VAL E 104 -11.10 5.48 -6.57
C VAL E 104 -11.16 6.49 -5.42
N GLU E 105 -11.19 5.97 -4.18
CA GLU E 105 -11.56 6.73 -2.99
C GLU E 105 -11.06 8.17 -2.94
N PRO E 106 -9.77 8.48 -3.17
CA PRO E 106 -9.42 9.91 -3.32
C PRO E 106 -9.45 10.35 -4.78
N ALA E 107 -10.66 10.48 -5.32
CA ALA E 107 -10.83 10.80 -6.73
C ALA E 107 -10.75 12.30 -6.96
N ALA E 108 -10.13 12.67 -8.07
CA ALA E 108 -10.05 14.06 -8.51
C ALA E 108 -10.58 14.16 -9.93
N LEU E 109 -11.57 15.03 -10.13
CA LEU E 109 -12.25 15.17 -11.42
C LEU E 109 -11.65 16.33 -12.20
N TYR E 110 -11.36 16.10 -13.49
CA TYR E 110 -10.94 17.15 -14.41
C TYR E 110 -11.82 17.07 -15.65
N ILE E 111 -13.00 17.69 -15.57
CA ILE E 111 -13.95 17.70 -16.66
C ILE E 111 -13.61 18.93 -17.51
N ASP E 112 -12.69 18.74 -18.44
CA ASP E 112 -11.97 19.86 -19.04
C ASP E 112 -12.86 20.69 -19.96
N TYR E 113 -13.34 20.10 -21.05
CA TYR E 113 -14.07 20.83 -22.07
C TYR E 113 -15.48 20.27 -22.18
N TRP E 114 -16.47 21.16 -22.15
CA TRP E 114 -17.87 20.80 -22.25
C TRP E 114 -18.41 21.20 -23.61
N GLY E 115 -19.21 20.33 -24.22
CA GLY E 115 -19.81 20.63 -25.49
C GLY E 115 -20.92 21.66 -25.36
N GLN E 116 -21.42 22.09 -26.52
CA GLN E 116 -22.47 23.10 -26.53
C GLN E 116 -23.79 22.57 -26.01
N GLY E 117 -24.00 21.25 -26.03
CA GLY E 117 -25.19 20.66 -25.48
C GLY E 117 -26.26 20.37 -26.52
N THR E 118 -27.01 19.30 -26.31
CA THR E 118 -28.17 18.98 -27.12
C THR E 118 -29.42 19.18 -26.28
N LEU E 119 -30.48 19.71 -26.90
CA LEU E 119 -31.69 20.07 -26.17
C LEU E 119 -32.74 19.01 -26.38
N VAL E 120 -33.00 18.21 -25.36
CA VAL E 120 -34.13 17.29 -25.35
C VAL E 120 -35.34 18.04 -24.81
N THR E 121 -36.41 18.06 -25.60
CA THR E 121 -37.60 18.84 -25.30
C THR E 121 -38.83 17.95 -25.29
N VAL E 122 -38.74 16.84 -24.55
CA VAL E 122 -39.83 15.87 -24.50
C VAL E 122 -41.12 16.54 -24.06
N SER E 123 -42.09 16.58 -24.95
CA SER E 123 -43.38 17.24 -24.74
C SER E 123 -44.28 16.89 -25.91
N SER E 124 -45.47 17.47 -25.92
CA SER E 124 -46.40 17.28 -27.03
C SER E 124 -46.26 18.38 -28.06
N GLN F 1 -31.06 20.12 -3.18
CA GLN F 1 -31.14 18.84 -2.50
C GLN F 1 -29.85 18.04 -2.71
N SER F 2 -28.90 18.64 -3.40
CA SER F 2 -27.64 17.96 -3.67
C SER F 2 -26.84 17.77 -2.39
N VAL F 3 -25.91 16.81 -2.42
CA VAL F 3 -25.06 16.54 -1.27
C VAL F 3 -24.19 17.75 -0.96
N LEU F 4 -23.68 18.40 -1.99
CA LEU F 4 -22.87 19.61 -1.83
C LEU F 4 -23.80 20.82 -1.81
N THR F 5 -23.85 21.51 -0.69
CA THR F 5 -24.78 22.62 -0.48
C THR F 5 -24.09 23.94 -0.75
N GLN F 6 -24.81 24.86 -1.38
CA GLN F 6 -24.30 26.17 -1.76
C GLN F 6 -25.35 27.23 -1.44
N PRO F 7 -24.93 28.47 -1.19
CA PRO F 7 -25.90 29.55 -1.06
C PRO F 7 -26.66 29.77 -2.36
N PRO F 8 -27.94 30.10 -2.29
CA PRO F 8 -28.71 30.30 -3.54
C PRO F 8 -28.19 31.42 -4.40
N SER F 9 -27.68 32.50 -3.80
CA SER F 9 -27.21 33.64 -4.57
C SER F 9 -26.35 34.52 -3.68
N VAL F 10 -25.67 35.48 -4.32
CA VAL F 10 -24.83 36.44 -3.61
C VAL F 10 -24.62 37.62 -4.55
N SER F 11 -24.31 38.78 -3.97
CA SER F 11 -24.14 39.99 -4.78
C SER F 11 -23.16 40.92 -4.08
N ALA F 12 -22.62 41.84 -4.87
CA ALA F 12 -21.70 42.87 -4.37
C ALA F 12 -21.56 43.94 -5.45
N ALA F 13 -20.94 45.06 -5.06
CA ALA F 13 -20.68 46.15 -5.98
C ALA F 13 -19.53 45.79 -6.92
N PRO F 14 -19.44 46.45 -8.07
CA PRO F 14 -18.33 46.15 -8.99
C PRO F 14 -16.97 46.42 -8.35
N GLY F 15 -16.02 45.55 -8.63
CA GLY F 15 -14.68 45.65 -8.09
C GLY F 15 -14.52 45.12 -6.68
N GLN F 16 -15.57 44.59 -6.07
CA GLN F 16 -15.55 44.13 -4.70
C GLN F 16 -15.27 42.63 -4.65
N MET F 17 -15.40 42.05 -3.46
CA MET F 17 -15.09 40.65 -3.21
C MET F 17 -16.36 39.89 -2.83
N VAL F 18 -16.48 38.66 -3.34
CA VAL F 18 -17.54 37.74 -2.93
C VAL F 18 -16.91 36.39 -2.63
N THR F 19 -17.60 35.60 -1.83
CA THR F 19 -17.20 34.25 -1.49
C THR F 19 -18.44 33.36 -1.44
N ILE F 20 -18.33 32.15 -2.00
CA ILE F 20 -19.42 31.19 -2.04
C ILE F 20 -18.99 29.95 -1.28
N SER F 21 -19.76 29.59 -0.26
CA SER F 21 -19.45 28.41 0.55
C SER F 21 -19.96 27.15 -0.14
N CYS F 22 -19.42 26.01 0.29
CA CYS F 22 -19.77 24.73 -0.32
C CYS F 22 -19.39 23.64 0.67
N SER F 23 -20.38 22.93 1.19
CA SER F 23 -20.18 21.96 2.26
C SER F 23 -20.40 20.54 1.74
N GLY F 24 -20.16 19.58 2.62
CA GLY F 24 -20.32 18.18 2.26
C GLY F 24 -19.71 17.30 3.32
N SER F 25 -19.98 16.00 3.19
CA SER F 25 -19.47 15.01 4.13
C SER F 25 -18.05 14.61 3.74
N SER F 26 -17.48 13.68 4.51
CA SER F 26 -16.12 13.23 4.24
C SER F 26 -16.05 12.37 2.98
N SER F 27 -17.13 11.65 2.66
CA SER F 27 -17.11 10.73 1.53
C SER F 27 -16.90 11.43 0.20
N ASN F 28 -17.25 12.72 0.10
CA ASN F 28 -17.13 13.46 -1.14
C ASN F 28 -16.09 14.57 -1.09
N ILE F 29 -16.22 15.49 -0.12
CA ILE F 29 -15.34 16.64 -0.06
C ILE F 29 -14.23 16.48 0.97
N GLY F 30 -14.36 15.52 1.90
CA GLY F 30 -13.31 15.25 2.85
C GLY F 30 -12.25 14.32 2.29
N ASN F 31 -12.68 13.33 1.50
CA ASN F 31 -11.78 12.36 0.91
C ASN F 31 -11.34 12.76 -0.50
N ASN F 32 -12.31 13.02 -1.37
CA ASN F 32 -12.04 13.32 -2.77
C ASN F 32 -11.72 14.80 -2.97
N TYR F 33 -11.29 15.13 -4.18
CA TYR F 33 -11.03 16.51 -4.56
C TYR F 33 -12.28 17.15 -5.13
N VAL F 34 -12.30 18.49 -5.09
CA VAL F 34 -13.47 19.25 -5.52
C VAL F 34 -13.05 20.20 -6.64
N SER F 35 -14.04 20.67 -7.40
CA SER F 35 -13.80 21.60 -8.49
C SER F 35 -14.99 22.53 -8.62
N TRP F 36 -14.74 23.68 -9.25
CA TRP F 36 -15.74 24.72 -9.42
C TRP F 36 -15.99 24.96 -10.91
N TYR F 37 -17.22 25.33 -11.23
CA TYR F 37 -17.65 25.51 -12.61
C TYR F 37 -18.48 26.78 -12.75
N GLN F 38 -18.15 27.59 -13.76
CA GLN F 38 -18.86 28.82 -14.06
C GLN F 38 -19.72 28.62 -15.30
N HIS F 39 -20.99 28.95 -15.20
CA HIS F 39 -21.94 28.81 -16.31
C HIS F 39 -22.47 30.19 -16.69
N LEU F 40 -21.75 30.85 -17.59
CA LEU F 40 -22.26 32.09 -18.16
C LEU F 40 -23.47 31.76 -19.03
N PRO F 41 -24.57 32.53 -18.93
CA PRO F 41 -25.76 32.21 -19.70
C PRO F 41 -25.49 32.26 -21.20
N GLY F 42 -26.11 31.33 -21.94
CA GLY F 42 -25.98 31.27 -23.37
C GLY F 42 -24.77 30.52 -23.88
N THR F 43 -23.90 30.02 -23.01
CA THR F 43 -22.71 29.30 -23.42
C THR F 43 -22.53 28.09 -22.50
N ALA F 44 -21.53 27.26 -22.83
CA ALA F 44 -21.23 26.07 -22.06
C ALA F 44 -20.48 26.43 -20.78
N PRO F 45 -20.71 25.69 -19.70
CA PRO F 45 -19.98 25.96 -18.45
C PRO F 45 -18.49 25.68 -18.57
N LYS F 46 -17.71 26.44 -17.81
CA LYS F 46 -16.26 26.42 -17.88
C LYS F 46 -15.67 25.88 -16.59
N LEU F 47 -14.41 25.46 -16.66
CA LEU F 47 -13.64 25.02 -15.51
C LEU F 47 -12.72 26.16 -15.08
N LEU F 48 -12.93 26.66 -13.86
CA LEU F 48 -12.09 27.71 -13.31
C LEU F 48 -11.25 27.29 -12.11
N ILE F 49 -11.73 26.37 -11.28
CA ILE F 49 -10.96 25.83 -10.16
C ILE F 49 -10.96 24.32 -10.25
N TYR F 50 -9.79 23.71 -10.11
CA TYR F 50 -9.63 22.26 -10.00
C TYR F 50 -8.66 21.97 -8.87
N ASP F 51 -8.74 20.74 -8.35
CA ASP F 51 -7.87 20.25 -7.27
C ASP F 51 -8.03 21.05 -5.98
N ASN F 52 -9.14 21.77 -5.86
CA ASN F 52 -9.55 22.54 -4.69
C ASN F 52 -8.71 23.81 -4.50
N ASN F 53 -7.62 23.94 -5.23
CA ASN F 53 -6.75 25.09 -5.04
C ASN F 53 -6.13 25.62 -6.32
N LYS F 54 -6.41 25.05 -7.49
CA LYS F 54 -5.69 25.38 -8.71
C LYS F 54 -6.66 25.73 -9.82
N ARG F 55 -6.19 26.52 -10.78
CA ARG F 55 -7.00 26.98 -11.90
C ARG F 55 -6.41 26.54 -13.22
N PRO F 56 -7.26 26.22 -14.20
CA PRO F 56 -6.74 25.92 -15.54
C PRO F 56 -6.19 27.19 -16.22
N SER F 57 -5.37 26.96 -17.23
CA SER F 57 -4.78 28.07 -17.97
C SER F 57 -5.86 28.90 -18.64
N GLY F 58 -5.70 30.23 -18.58
CA GLY F 58 -6.65 31.16 -19.14
C GLY F 58 -7.68 31.68 -18.18
N ILE F 59 -7.90 31.01 -17.05
CA ILE F 59 -8.80 31.52 -16.01
C ILE F 59 -8.10 32.68 -15.30
N PRO F 60 -8.78 33.81 -15.09
CA PRO F 60 -8.14 34.95 -14.43
C PRO F 60 -7.70 34.62 -13.02
N ASP F 61 -6.63 35.27 -12.58
CA ASP F 61 -6.08 35.07 -11.24
C ASP F 61 -7.01 35.56 -10.14
N ARG F 62 -8.03 36.36 -10.47
CA ARG F 62 -8.94 36.88 -9.46
C ARG F 62 -9.79 35.79 -8.83
N PHE F 63 -9.93 34.63 -9.47
CA PHE F 63 -10.67 33.52 -8.90
C PHE F 63 -9.75 32.65 -8.05
N SER F 64 -10.28 32.18 -6.91
CA SER F 64 -9.51 31.34 -6.01
C SER F 64 -10.45 30.41 -5.26
N GLY F 65 -9.89 29.31 -4.79
CA GLY F 65 -10.65 28.36 -3.99
C GLY F 65 -9.76 27.71 -2.97
N SER F 66 -10.36 27.28 -1.86
CA SER F 66 -9.61 26.63 -0.80
C SER F 66 -10.56 25.76 0.01
N LYS F 67 -10.03 24.62 0.47
CA LYS F 67 -10.81 23.67 1.26
C LYS F 67 -10.39 23.76 2.72
N SER F 68 -11.38 23.86 3.61
CA SER F 68 -11.16 23.88 5.05
C SER F 68 -12.01 22.76 5.65
N GLY F 69 -11.35 21.65 5.98
CA GLY F 69 -12.10 20.50 6.47
C GLY F 69 -12.97 19.92 5.38
N THR F 70 -14.13 19.40 5.78
CA THR F 70 -15.09 18.86 4.82
C THR F 70 -15.99 19.97 4.28
N SER F 71 -15.34 20.97 3.69
CA SER F 71 -16.03 22.11 3.10
C SER F 71 -15.04 22.89 2.25
N VAL F 72 -15.51 23.43 1.13
CA VAL F 72 -14.69 24.23 0.23
C VAL F 72 -15.41 25.55 -0.02
N THR F 73 -14.64 26.58 -0.37
CA THR F 73 -15.17 27.92 -0.56
C THR F 73 -14.57 28.54 -1.81
N LEU F 74 -15.42 29.13 -2.65
CA LEU F 74 -14.96 29.88 -3.80
C LEU F 74 -14.63 31.31 -3.41
N GLY F 75 -13.63 31.89 -4.06
CA GLY F 75 -13.26 33.26 -3.80
C GLY F 75 -13.04 34.06 -5.07
N ILE F 76 -13.80 35.14 -5.24
CA ILE F 76 -13.72 35.98 -6.44
C ILE F 76 -13.33 37.38 -6.00
N THR F 77 -12.16 37.83 -6.45
CA THR F 77 -11.69 39.17 -6.21
C THR F 77 -12.02 40.06 -7.39
N GLY F 78 -12.31 41.33 -7.11
CA GLY F 78 -12.60 42.28 -8.18
C GLY F 78 -13.83 41.89 -8.98
N LEU F 79 -15.00 42.01 -8.37
CA LEU F 79 -16.25 41.68 -9.05
C LEU F 79 -16.41 42.57 -10.29
N GLN F 80 -16.95 41.97 -11.34
CA GLN F 80 -17.23 42.69 -12.58
C GLN F 80 -18.63 42.29 -13.07
N THR F 81 -19.21 43.16 -13.89
CA THR F 81 -20.50 42.85 -14.49
C THR F 81 -20.40 41.63 -15.40
N GLY F 82 -19.29 41.52 -16.16
CA GLY F 82 -19.12 40.37 -17.03
C GLY F 82 -19.04 39.06 -16.28
N ASP F 83 -18.40 39.07 -15.10
CA ASP F 83 -18.28 37.87 -14.29
C ASP F 83 -19.54 37.64 -13.48
N GLU F 84 -20.69 37.65 -14.14
CA GLU F 84 -21.98 37.37 -13.52
C GLU F 84 -22.52 36.09 -14.16
N ALA F 85 -22.56 35.01 -13.39
CA ALA F 85 -22.93 33.71 -13.92
C ALA F 85 -23.39 32.82 -12.76
N ASP F 86 -23.51 31.53 -13.04
CA ASP F 86 -23.86 30.53 -12.03
C ASP F 86 -22.63 29.67 -11.76
N TYR F 87 -22.32 29.50 -10.48
CA TYR F 87 -21.14 28.76 -10.05
C TYR F 87 -21.55 27.50 -9.30
N TYR F 88 -20.89 26.39 -9.62
CA TYR F 88 -21.24 25.08 -9.08
C TYR F 88 -19.98 24.37 -8.58
N CYS F 89 -20.16 23.58 -7.53
CA CYS F 89 -19.11 22.69 -7.07
C CYS F 89 -19.13 21.39 -7.87
N GLY F 90 -18.02 20.65 -7.79
CA GLY F 90 -17.95 19.35 -8.43
C GLY F 90 -16.97 18.41 -7.78
N THR F 91 -17.43 17.23 -7.38
CA THR F 91 -16.59 16.26 -6.68
C THR F 91 -17.19 14.88 -6.82
N TRP F 92 -16.38 13.87 -6.51
CA TRP F 92 -16.80 12.48 -6.53
C TRP F 92 -17.23 12.01 -5.15
N ASP F 93 -18.34 11.29 -5.10
CA ASP F 93 -18.84 10.68 -3.88
C ASP F 93 -18.42 9.22 -3.89
N SER F 94 -17.39 8.89 -3.09
CA SER F 94 -16.93 7.50 -3.04
C SER F 94 -18.01 6.58 -2.48
N SER F 95 -18.75 7.04 -1.47
CA SER F 95 -19.84 6.24 -0.93
C SER F 95 -20.95 6.04 -1.95
N LEU F 96 -21.31 7.10 -2.67
CA LEU F 96 -22.39 7.01 -3.66
C LEU F 96 -21.91 6.49 -5.01
N SER F 97 -20.59 6.42 -5.23
CA SER F 97 -20.03 5.98 -6.50
C SER F 97 -20.58 6.79 -7.67
N ALA F 98 -20.69 8.10 -7.47
CA ALA F 98 -21.22 9.00 -8.49
C ALA F 98 -20.61 10.38 -8.33
N VAL F 99 -20.70 11.17 -9.38
CA VAL F 99 -20.21 12.55 -9.37
C VAL F 99 -21.34 13.43 -8.85
N VAL F 100 -21.05 14.22 -7.82
CA VAL F 100 -22.01 15.14 -7.24
C VAL F 100 -21.56 16.55 -7.54
N PHE F 101 -22.44 17.35 -8.13
CA PHE F 101 -22.16 18.74 -8.44
C PHE F 101 -22.79 19.65 -7.39
N GLY F 102 -22.32 20.90 -7.37
CA GLY F 102 -22.85 21.86 -6.43
C GLY F 102 -24.29 22.22 -6.72
N GLY F 103 -24.98 22.67 -5.67
CA GLY F 103 -26.38 23.04 -5.83
C GLY F 103 -26.58 24.22 -6.76
N GLY F 104 -25.74 25.25 -6.62
CA GLY F 104 -25.82 26.39 -7.50
C GLY F 104 -25.87 27.73 -6.79
N THR F 105 -24.99 28.65 -7.18
CA THR F 105 -25.00 30.01 -6.66
C THR F 105 -24.92 30.97 -7.83
N LYS F 106 -25.71 32.04 -7.77
CA LYS F 106 -25.82 33.00 -8.86
C LYS F 106 -25.19 34.31 -8.43
N LEU F 107 -24.11 34.70 -9.11
CA LEU F 107 -23.49 36.00 -8.89
C LEU F 107 -24.32 37.09 -9.56
N THR F 108 -24.53 38.19 -8.83
CA THR F 108 -25.22 39.35 -9.35
C THR F 108 -24.51 40.61 -8.88
N VAL F 109 -24.73 41.70 -9.61
CA VAL F 109 -24.14 43.00 -9.29
C VAL F 109 -25.23 44.05 -9.27
N LEU F 110 -25.22 44.88 -8.23
CA LEU F 110 -26.20 45.95 -8.10
C LEU F 110 -25.59 47.16 -7.38
#